data_6CT7
#
_entry.id   6CT7
#
_cell.length_a   72.849
_cell.length_b   101.492
_cell.length_c   73.400
_cell.angle_alpha   90.00
_cell.angle_beta   117.30
_cell.angle_gamma   90.00
#
_symmetry.space_group_name_H-M   'P 1 21 1'
#
loop_
_entity.id
_entity.type
_entity.pdbx_description
1 polymer 'BIIB054 Fab light chain'
2 polymer 'BIIB054 Fab heavy chain'
3 polymer ACE-MET-ASP-VAL-PHE-MET-LYS-GLY-LEU-SER-LYS
4 non-polymer 'ISOPROPYL ALCOHOL'
5 water water
#
loop_
_entity_poly.entity_id
_entity_poly.type
_entity_poly.pdbx_seq_one_letter_code
_entity_poly.pdbx_strand_id
1 'polypeptide(L)'
;SYELTQPPSVSVSPGQTARITCSGEALPMQFAHWYQQRPGKAPVIVVYKDSERPSGVPERFSGSSSGTTATLTITGVQAE
DEADYYCQSPDSTNTYEVFGGGTKLTVLSQPKAAPSVTLFPPSSEELQANKATLVCLISDFYPGAVTVAWKADSSPVKAG
VETTTPSKQSNNKYAASSYLSLTPEQWKSHRSYSCQVTHEGSTVEKTVAPTECS
;
L,B
2 'polypeptide(L)'
;EVQLVESGGGLVEPGGSLRLSCAVSGFDFEKAWMSWVRQAPGQGLQWVARIKSTADGGTTSYAAPVEGRFIISRDDSRNM
LYLQMNSLKTEDTAVYYCTSAHWGQGTLVTVSSASTKGPSVFPLAPSSKSTSGGTAALGCLVKDYFPEPVTVSWNSGALT
SGVHTFPAVLQSSGLYSLSSVVTVPSSSLGTQTYICNVNHKPSNTKVDKRVEPKSCDKTH
;
H,A
3 'polypeptide(L)' (ACE)MDVFMKGLSK S,T
#
# COMPACT_ATOMS: atom_id res chain seq x y z
N SER A 1 -29.60 -13.70 3.56
CA SER A 1 -30.96 -13.36 3.17
C SER A 1 -31.04 -11.92 2.66
N TYR A 2 -30.46 -11.00 3.42
CA TYR A 2 -30.43 -9.60 3.03
C TYR A 2 -29.47 -9.40 1.87
N GLU A 3 -29.91 -8.66 0.84
CA GLU A 3 -29.10 -8.49 -0.36
C GLU A 3 -28.90 -7.02 -0.70
N LEU A 4 -27.69 -6.72 -1.15
CA LEU A 4 -27.33 -5.41 -1.68
C LEU A 4 -27.24 -5.50 -3.20
N THR A 5 -27.97 -4.63 -3.91
CA THR A 5 -28.05 -4.67 -5.37
C THR A 5 -27.17 -3.58 -5.97
N GLN A 6 -26.35 -3.97 -6.94
CA GLN A 6 -25.28 -3.20 -7.52
C GLN A 6 -25.32 -3.53 -9.01
N PRO A 7 -25.25 -2.53 -9.89
CA PRO A 7 -25.23 -2.82 -11.34
C PRO A 7 -23.98 -3.60 -11.70
N PRO A 8 -24.13 -4.68 -12.50
CA PRO A 8 -22.95 -5.48 -12.83
C PRO A 8 -21.89 -4.69 -13.58
N SER A 9 -22.30 -3.76 -14.44
CA SER A 9 -21.37 -2.97 -15.22
C SER A 9 -21.78 -1.51 -15.25
N VAL A 10 -20.77 -0.65 -15.36
CA VAL A 10 -20.90 0.77 -15.65
C VAL A 10 -19.73 1.12 -16.55
N SER A 11 -20.00 1.83 -17.64
CA SER A 11 -18.94 2.29 -18.55
C SER A 11 -19.08 3.79 -18.79
N VAL A 12 -17.94 4.47 -18.84
CA VAL A 12 -17.90 5.94 -18.92
C VAL A 12 -16.70 6.34 -19.76
N SER A 13 -16.71 7.58 -20.22
CA SER A 13 -15.61 8.16 -20.97
C SER A 13 -14.64 8.87 -20.03
N PRO A 14 -13.34 8.86 -20.36
CA PRO A 14 -12.37 9.54 -19.50
C PRO A 14 -12.74 10.99 -19.23
N GLY A 15 -12.65 11.39 -17.96
CA GLY A 15 -12.91 12.75 -17.56
C GLY A 15 -14.34 13.07 -17.19
N GLN A 16 -15.30 12.26 -17.61
CA GLN A 16 -16.68 12.44 -17.17
C GLN A 16 -16.90 11.64 -15.88
N THR A 17 -18.15 11.53 -15.45
CA THR A 17 -18.46 11.19 -14.07
C THR A 17 -19.21 9.86 -14.01
N ALA A 18 -18.74 8.97 -13.15
CA ALA A 18 -19.35 7.66 -12.95
C ALA A 18 -20.08 7.63 -11.61
N ARG A 19 -21.27 7.05 -11.62
CA ARG A 19 -22.05 6.85 -10.40
C ARG A 19 -22.36 5.37 -10.27
N ILE A 20 -21.94 4.77 -9.16
CA ILE A 20 -22.18 3.36 -8.87
C ILE A 20 -23.15 3.31 -7.71
N THR A 21 -24.31 2.69 -7.92
CA THR A 21 -25.35 2.60 -6.90
C THR A 21 -25.29 1.26 -6.16
N CYS A 22 -25.81 1.28 -4.93
CA CYS A 22 -25.90 0.10 -4.07
C CYS A 22 -27.17 0.24 -3.27
N SER A 23 -28.13 -0.64 -3.50
CA SER A 23 -29.46 -0.50 -2.94
C SER A 23 -29.72 -1.62 -1.94
N GLY A 24 -30.21 -1.25 -0.76
CA GLY A 24 -30.50 -2.22 0.27
C GLY A 24 -31.54 -1.73 1.24
N GLU A 25 -32.26 -2.67 1.83
CA GLU A 25 -33.38 -2.33 2.72
C GLU A 25 -32.92 -1.69 4.02
N ALA A 26 -31.76 -2.13 4.54
CA ALA A 26 -31.28 -1.68 5.85
C ALA A 26 -30.37 -0.46 5.79
N LEU A 27 -30.07 0.06 4.59
CA LEU A 27 -29.19 1.23 4.50
C LEU A 27 -29.65 2.47 5.27
N PRO A 28 -30.95 2.70 5.53
CA PRO A 28 -31.30 3.83 6.41
C PRO A 28 -30.79 3.66 7.83
N MET A 29 -30.54 2.44 8.29
CA MET A 29 -30.11 2.19 9.65
C MET A 29 -28.67 1.69 9.76
N GLN A 30 -28.04 1.29 8.64
CA GLN A 30 -26.67 0.77 8.69
C GLN A 30 -25.77 1.50 7.69
N PHE A 31 -24.51 1.69 8.08
CA PHE A 31 -23.55 2.31 7.17
C PHE A 31 -23.19 1.38 6.02
N ALA A 32 -22.98 1.97 4.84
CA ALA A 32 -22.38 1.30 3.69
C ALA A 32 -20.94 1.74 3.58
N HIS A 33 -20.13 0.87 3.00
CA HIS A 33 -18.72 1.11 2.77
C HIS A 33 -18.44 0.65 1.35
N TRP A 34 -17.44 1.24 0.70
CA TRP A 34 -17.14 0.98 -0.71
C TRP A 34 -15.70 0.55 -0.87
N TYR A 35 -15.46 -0.49 -1.65
CA TYR A 35 -14.12 -1.00 -1.91
C TYR A 35 -13.84 -1.05 -3.40
N GLN A 36 -12.65 -0.59 -3.78
CA GLN A 36 -12.07 -0.80 -5.10
C GLN A 36 -11.18 -2.04 -5.07
N GLN A 37 -11.31 -2.90 -6.08
CA GLN A 37 -10.44 -4.06 -6.18
C GLN A 37 -9.85 -4.09 -7.58
N ARG A 38 -8.54 -3.93 -7.67
CA ARG A 38 -7.80 -3.92 -8.92
C ARG A 38 -7.47 -5.34 -9.36
N PRO A 39 -7.33 -5.55 -10.68
CA PRO A 39 -7.05 -6.89 -11.20
C PRO A 39 -5.88 -7.58 -10.51
N GLY A 40 -6.17 -8.65 -9.77
CA GLY A 40 -5.15 -9.41 -9.09
C GLY A 40 -4.74 -8.88 -7.73
N LYS A 41 -5.39 -7.85 -7.21
CA LYS A 41 -5.00 -7.26 -5.93
C LYS A 41 -6.14 -7.39 -4.93
N ALA A 42 -5.82 -7.05 -3.69
CA ALA A 42 -6.82 -7.09 -2.63
C ALA A 42 -7.67 -5.82 -2.65
N PRO A 43 -8.91 -5.89 -2.16
CA PRO A 43 -9.75 -4.70 -2.06
C PRO A 43 -9.09 -3.63 -1.20
N VAL A 44 -9.30 -2.36 -1.58
CA VAL A 44 -8.93 -1.22 -0.75
C VAL A 44 -10.16 -0.35 -0.55
N ILE A 45 -10.37 0.13 0.69
CA ILE A 45 -11.55 0.93 0.96
C ILE A 45 -11.39 2.29 0.28
N VAL A 46 -12.49 2.79 -0.30
CA VAL A 46 -12.53 4.15 -0.84
C VAL A 46 -13.63 4.99 -0.21
N VAL A 47 -14.67 4.39 0.38
CA VAL A 47 -15.64 5.12 1.17
C VAL A 47 -15.85 4.38 2.48
N TYR A 48 -15.85 5.12 3.59
CA TYR A 48 -16.07 4.59 4.93
C TYR A 48 -17.28 5.27 5.57
N LYS A 49 -18.20 4.49 6.10
CA LYS A 49 -19.40 5.01 6.77
C LYS A 49 -20.16 6.01 5.88
N ASP A 50 -20.61 5.51 4.73
CA ASP A 50 -21.49 6.23 3.81
C ASP A 50 -20.77 7.32 3.01
N SER A 51 -20.02 8.20 3.70
CA SER A 51 -19.52 9.40 3.03
C SER A 51 -18.16 9.89 3.47
N GLU A 52 -17.38 9.13 4.23
CA GLU A 52 -16.08 9.62 4.70
C GLU A 52 -14.98 9.08 3.81
N ARG A 53 -14.00 9.94 3.50
CA ARG A 53 -12.94 9.58 2.57
C ARG A 53 -11.72 9.11 3.35
N PRO A 54 -11.33 7.84 3.21
CA PRO A 54 -10.11 7.37 3.88
C PRO A 54 -8.88 8.15 3.40
N SER A 55 -7.86 8.18 4.26
CA SER A 55 -6.67 8.97 3.98
C SER A 55 -5.88 8.37 2.84
N GLY A 56 -5.54 9.21 1.87
CA GLY A 56 -4.83 8.81 0.68
C GLY A 56 -5.71 8.51 -0.52
N VAL A 57 -7.01 8.41 -0.30
CA VAL A 57 -7.91 8.16 -1.38
C VAL A 57 -8.04 9.47 -2.14
N PRO A 58 -7.99 9.41 -3.47
CA PRO A 58 -8.11 10.69 -4.20
C PRO A 58 -9.46 11.34 -4.00
N GLU A 59 -9.47 12.66 -4.11
CA GLU A 59 -10.68 13.49 -3.92
C GLU A 59 -11.83 13.20 -4.87
N ARG A 60 -11.52 12.70 -6.07
CA ARG A 60 -12.54 12.35 -7.05
C ARG A 60 -13.50 11.21 -6.61
N PHE A 61 -13.08 10.36 -5.68
CA PHE A 61 -13.93 9.34 -5.13
C PHE A 61 -14.70 9.91 -3.94
N SER A 62 -16.01 9.85 -4.00
CA SER A 62 -16.79 10.28 -2.87
C SER A 62 -18.07 9.46 -2.80
N GLY A 63 -18.59 9.30 -1.60
CA GLY A 63 -19.81 8.55 -1.43
C GLY A 63 -20.86 9.35 -0.70
N SER A 64 -22.11 8.91 -0.83
CA SER A 64 -23.23 9.48 -0.10
C SER A 64 -24.27 8.37 0.05
N SER A 65 -25.21 8.58 0.95
CA SER A 65 -26.20 7.54 1.23
C SER A 65 -27.42 8.18 1.87
N SER A 66 -28.58 7.86 1.32
CA SER A 66 -29.83 8.36 1.84
C SER A 66 -30.93 7.41 1.39
N GLY A 67 -31.84 7.12 2.30
CA GLY A 67 -32.84 6.13 2.01
C GLY A 67 -32.18 4.79 1.84
N THR A 68 -32.60 4.06 0.80
CA THR A 68 -32.16 2.71 0.56
C THR A 68 -31.09 2.63 -0.53
N THR A 69 -30.42 3.73 -0.82
CA THR A 69 -29.39 3.70 -1.86
C THR A 69 -28.15 4.45 -1.38
N ALA A 70 -27.02 3.77 -1.42
CA ALA A 70 -25.72 4.38 -1.29
C ALA A 70 -25.11 4.51 -2.67
N THR A 71 -24.39 5.60 -2.90
CA THR A 71 -23.86 5.91 -4.21
C THR A 71 -22.40 6.27 -4.11
N LEU A 72 -21.57 5.66 -4.94
CA LEU A 72 -20.17 6.03 -5.10
C LEU A 72 -20.01 6.82 -6.40
N THR A 73 -19.54 8.06 -6.30
CA THR A 73 -19.35 8.92 -7.45
C THR A 73 -17.86 9.07 -7.73
N ILE A 74 -17.47 8.80 -8.97
CA ILE A 74 -16.10 9.03 -9.41
C ILE A 74 -16.14 10.15 -10.44
N THR A 75 -15.64 11.33 -10.07
CA THR A 75 -15.58 12.44 -11.01
C THR A 75 -14.24 12.42 -11.72
N GLY A 76 -14.23 13.01 -12.93
CA GLY A 76 -13.03 13.04 -13.77
C GLY A 76 -12.38 11.68 -13.92
N VAL A 77 -13.17 10.69 -14.35
CA VAL A 77 -12.70 9.31 -14.40
C VAL A 77 -11.42 9.20 -15.22
N GLN A 78 -10.50 8.37 -14.75
CA GLN A 78 -9.29 8.05 -15.48
C GLN A 78 -9.31 6.59 -15.88
N ALA A 79 -8.40 6.26 -16.80
CA ALA A 79 -8.21 4.87 -17.18
C ALA A 79 -7.83 4.02 -15.98
N GLU A 80 -7.03 4.59 -15.06
CA GLU A 80 -6.57 3.87 -13.88
C GLU A 80 -7.71 3.51 -12.93
N ASP A 81 -8.90 4.09 -13.09
CA ASP A 81 -10.01 3.78 -12.20
C ASP A 81 -10.75 2.51 -12.61
N GLU A 82 -10.36 1.89 -13.73
CA GLU A 82 -10.93 0.60 -14.15
C GLU A 82 -10.62 -0.46 -13.11
N ALA A 83 -11.67 -1.09 -12.57
CA ALA A 83 -11.59 -1.99 -11.44
C ALA A 83 -12.99 -2.45 -11.07
N ASP A 84 -13.10 -3.37 -10.12
CA ASP A 84 -14.39 -3.81 -9.60
C ASP A 84 -14.64 -3.10 -8.28
N TYR A 85 -15.87 -2.61 -8.09
CA TYR A 85 -16.24 -1.81 -6.93
C TYR A 85 -17.35 -2.54 -6.15
N TYR A 86 -17.13 -2.77 -4.85
CA TYR A 86 -18.08 -3.48 -4.00
C TYR A 86 -18.57 -2.56 -2.90
N CYS A 87 -19.88 -2.62 -2.62
CA CYS A 87 -20.43 -2.03 -1.42
C CYS A 87 -20.61 -3.13 -0.36
N GLN A 88 -20.56 -2.72 0.91
CA GLN A 88 -20.72 -3.63 2.04
C GLN A 88 -21.57 -2.97 3.12
N SER A 89 -22.50 -3.72 3.70
CA SER A 89 -23.34 -3.21 4.78
C SER A 89 -23.89 -4.40 5.57
N PRO A 90 -24.15 -4.26 6.86
CA PRO A 90 -24.74 -5.38 7.61
C PRO A 90 -26.26 -5.41 7.44
N ASP A 91 -26.87 -6.51 7.88
CA ASP A 91 -28.33 -6.59 7.84
C ASP A 91 -28.92 -5.62 8.86
N SER A 92 -30.26 -5.53 8.87
CA SER A 92 -30.95 -4.57 9.73
C SER A 92 -30.63 -4.77 11.20
N THR A 93 -30.45 -6.02 11.63
CA THR A 93 -30.11 -6.29 13.02
C THR A 93 -28.61 -6.24 13.29
N ASN A 94 -27.80 -5.97 12.26
CA ASN A 94 -26.34 -5.92 12.43
C ASN A 94 -25.83 -7.21 13.07
N THR A 95 -26.35 -8.32 12.56
CA THR A 95 -25.92 -9.66 12.93
C THR A 95 -24.96 -10.26 11.92
N TYR A 96 -25.08 -9.90 10.64
CA TYR A 96 -24.21 -10.44 9.61
C TYR A 96 -23.92 -9.37 8.56
N GLU A 97 -22.80 -9.56 7.88
CA GLU A 97 -22.31 -8.65 6.86
C GLU A 97 -22.69 -9.15 5.48
N VAL A 98 -22.98 -8.20 4.57
CA VAL A 98 -23.43 -8.49 3.22
C VAL A 98 -22.59 -7.68 2.23
N PHE A 99 -22.26 -8.30 1.09
CA PHE A 99 -21.57 -7.59 0.03
C PHE A 99 -22.46 -7.44 -1.18
N GLY A 100 -22.33 -6.30 -1.86
CA GLY A 100 -22.89 -6.18 -3.18
C GLY A 100 -22.27 -7.18 -4.13
N GLY A 101 -22.88 -7.28 -5.30
CA GLY A 101 -22.39 -8.20 -6.32
C GLY A 101 -21.14 -7.72 -7.01
N GLY A 102 -20.74 -6.48 -6.79
CA GLY A 102 -19.64 -5.94 -7.57
C GLY A 102 -20.12 -5.22 -8.80
N THR A 103 -19.34 -4.21 -9.20
CA THR A 103 -19.59 -3.42 -10.40
C THR A 103 -18.25 -3.28 -11.11
N LYS A 104 -18.15 -3.86 -12.32
CA LYS A 104 -16.98 -3.67 -13.16
C LYS A 104 -17.11 -2.33 -13.88
N LEU A 105 -16.12 -1.45 -13.71
CA LEU A 105 -16.11 -0.15 -14.35
C LEU A 105 -15.14 -0.20 -15.54
N THR A 106 -15.64 0.13 -16.72
CA THR A 106 -14.84 0.16 -17.94
C THR A 106 -14.78 1.58 -18.46
N VAL A 107 -13.58 2.04 -18.80
CA VAL A 107 -13.35 3.36 -19.35
C VAL A 107 -13.26 3.24 -20.87
N LEU A 108 -14.16 3.93 -21.57
CA LEU A 108 -14.34 3.79 -23.00
C LEU A 108 -13.21 4.49 -23.77
N SER A 109 -13.15 4.20 -25.07
CA SER A 109 -12.19 4.81 -25.99
C SER A 109 -10.75 4.61 -25.54
N GLN A 110 -10.46 3.48 -24.91
CA GLN A 110 -9.06 3.16 -24.69
C GLN A 110 -8.49 2.53 -25.96
N PRO A 111 -7.25 2.87 -26.32
CA PRO A 111 -6.76 2.55 -27.67
C PRO A 111 -6.63 1.06 -27.92
N LYS A 112 -7.04 0.65 -29.12
CA LYS A 112 -6.87 -0.73 -29.53
C LYS A 112 -5.41 -1.06 -29.73
N ALA A 113 -5.02 -2.26 -29.31
CA ALA A 113 -3.64 -2.73 -29.44
C ALA A 113 -3.67 -4.14 -30.02
N ALA A 114 -2.99 -4.33 -31.14
CA ALA A 114 -2.86 -5.65 -31.72
C ALA A 114 -1.96 -6.53 -30.85
N PRO A 115 -2.29 -7.80 -30.68
CA PRO A 115 -1.53 -8.64 -29.75
C PRO A 115 -0.20 -9.09 -30.34
N SER A 116 0.81 -9.18 -29.48
CA SER A 116 2.04 -9.87 -29.81
C SER A 116 1.80 -11.37 -29.61
N VAL A 117 2.15 -12.17 -30.62
CA VAL A 117 2.01 -13.61 -30.55
C VAL A 117 3.39 -14.25 -30.71
N THR A 118 3.79 -15.06 -29.72
CA THR A 118 5.01 -15.86 -29.77
C THR A 118 4.66 -17.33 -29.56
N LEU A 119 5.10 -18.18 -30.49
CA LEU A 119 4.82 -19.62 -30.45
C LEU A 119 6.10 -20.42 -30.28
N PHE A 120 6.16 -21.24 -29.23
CA PHE A 120 7.30 -22.12 -29.00
C PHE A 120 6.96 -23.56 -29.34
N PRO A 121 7.83 -24.27 -30.06
CA PRO A 121 7.59 -25.71 -30.29
C PRO A 121 8.01 -26.50 -29.06
N PRO A 122 7.76 -27.81 -29.05
CA PRO A 122 8.21 -28.65 -27.93
C PRO A 122 9.72 -28.63 -27.75
N SER A 123 10.16 -28.44 -26.52
CA SER A 123 11.58 -28.53 -26.19
C SER A 123 12.09 -29.94 -26.43
N SER A 124 13.39 -30.04 -26.73
CA SER A 124 13.99 -31.35 -26.88
C SER A 124 13.98 -32.14 -25.57
N GLU A 125 14.18 -31.46 -24.43
CA GLU A 125 14.09 -32.17 -23.16
C GLU A 125 12.68 -32.74 -22.95
N GLU A 126 11.64 -32.00 -23.34
CA GLU A 126 10.29 -32.52 -23.17
C GLU A 126 10.04 -33.73 -24.08
N LEU A 127 10.50 -33.67 -25.33
CA LEU A 127 10.35 -34.80 -26.24
C LEU A 127 11.01 -36.06 -25.69
N GLN A 128 12.20 -35.91 -25.09
CA GLN A 128 12.87 -37.06 -24.49
C GLN A 128 12.13 -37.61 -23.27
N ALA A 129 11.33 -36.78 -22.61
CA ALA A 129 10.44 -37.27 -21.56
C ALA A 129 9.13 -37.82 -22.12
N ASN A 130 9.05 -37.94 -23.44
CA ASN A 130 7.90 -38.51 -24.14
C ASN A 130 6.64 -37.67 -23.94
N LYS A 131 6.78 -36.35 -23.96
CA LYS A 131 5.65 -35.44 -24.02
C LYS A 131 5.93 -34.37 -25.07
N ALA A 132 4.94 -33.53 -25.33
CA ALA A 132 5.06 -32.51 -26.37
C ALA A 132 4.04 -31.42 -26.10
N THR A 133 4.51 -30.18 -25.90
CA THR A 133 3.59 -29.08 -25.68
C THR A 133 4.00 -27.93 -26.58
N LEU A 134 3.05 -27.46 -27.38
CA LEU A 134 3.22 -26.19 -28.06
C LEU A 134 2.67 -25.07 -27.20
N VAL A 135 3.42 -23.98 -27.11
CA VAL A 135 3.14 -22.86 -26.20
C VAL A 135 2.92 -21.62 -27.06
N CYS A 136 1.71 -21.09 -27.03
CA CYS A 136 1.38 -19.89 -27.82
C CYS A 136 1.05 -18.78 -26.82
N LEU A 137 1.93 -17.77 -26.71
CA LEU A 137 1.75 -16.69 -25.74
C LEU A 137 1.25 -15.42 -26.43
N ILE A 138 0.30 -14.73 -25.78
CA ILE A 138 -0.44 -13.63 -26.43
C ILE A 138 -0.51 -12.46 -25.44
N SER A 139 0.12 -11.34 -25.79
CA SER A 139 0.45 -10.28 -24.86
C SER A 139 0.09 -8.92 -25.40
N ASP A 140 -0.24 -8.00 -24.49
CA ASP A 140 -0.34 -6.57 -24.77
C ASP A 140 -1.43 -6.25 -25.80
N PHE A 141 -2.62 -6.83 -25.61
CA PHE A 141 -3.73 -6.50 -26.50
C PHE A 141 -4.88 -5.83 -25.75
N TYR A 142 -5.66 -5.03 -26.49
CA TYR A 142 -6.88 -4.39 -26.01
C TYR A 142 -7.81 -4.12 -27.18
N PRO A 143 -9.12 -4.42 -27.08
CA PRO A 143 -9.89 -4.97 -25.95
C PRO A 143 -9.46 -6.38 -25.54
N GLY A 144 -10.06 -6.91 -24.48
CA GLY A 144 -9.63 -8.16 -23.87
C GLY A 144 -10.29 -9.41 -24.42
N ALA A 145 -10.53 -9.48 -25.73
CA ALA A 145 -11.15 -10.65 -26.34
C ALA A 145 -10.29 -11.15 -27.48
N VAL A 146 -9.81 -12.39 -27.36
CA VAL A 146 -9.16 -13.08 -28.48
C VAL A 146 -9.78 -14.46 -28.63
N THR A 147 -9.66 -14.99 -29.85
CA THR A 147 -9.98 -16.38 -30.13
C THR A 147 -8.72 -17.06 -30.64
N VAL A 148 -8.42 -18.23 -30.08
CA VAL A 148 -7.25 -19.01 -30.45
C VAL A 148 -7.76 -20.24 -31.19
N ALA A 149 -7.17 -20.51 -32.36
CA ALA A 149 -7.43 -21.74 -33.10
C ALA A 149 -6.08 -22.41 -33.33
N TRP A 150 -6.06 -23.71 -33.17
CA TRP A 150 -4.87 -24.48 -33.52
C TRP A 150 -5.14 -25.25 -34.79
N LYS A 151 -4.08 -25.42 -35.57
CA LYS A 151 -4.11 -26.22 -36.77
C LYS A 151 -2.95 -27.21 -36.78
N ALA A 152 -3.25 -28.44 -37.17
CA ALA A 152 -2.24 -29.42 -37.57
C ALA A 152 -2.28 -29.52 -39.09
N ASP A 153 -1.17 -29.16 -39.73
CA ASP A 153 -1.13 -28.82 -41.15
C ASP A 153 -2.21 -27.78 -41.44
N SER A 154 -3.20 -28.11 -42.26
CA SER A 154 -4.29 -27.18 -42.54
C SER A 154 -5.56 -27.53 -41.80
N SER A 155 -5.55 -28.59 -40.99
CA SER A 155 -6.72 -29.14 -40.33
C SER A 155 -6.82 -28.63 -38.91
N PRO A 156 -7.96 -28.11 -38.50
CA PRO A 156 -8.10 -27.64 -37.11
C PRO A 156 -8.01 -28.80 -36.15
N VAL A 157 -7.43 -28.53 -34.98
CA VAL A 157 -7.38 -29.49 -33.89
C VAL A 157 -8.06 -28.87 -32.67
N LYS A 158 -9.00 -29.61 -32.08
CA LYS A 158 -9.66 -29.18 -30.86
C LYS A 158 -9.17 -29.91 -29.62
N ALA A 159 -8.81 -31.19 -29.76
CA ALA A 159 -8.33 -31.97 -28.62
C ALA A 159 -6.95 -31.51 -28.17
N GLY A 160 -6.73 -31.57 -26.86
CA GLY A 160 -5.44 -31.27 -26.28
C GLY A 160 -5.14 -29.79 -26.13
N VAL A 161 -6.13 -28.93 -26.37
CA VAL A 161 -5.97 -27.48 -26.38
C VAL A 161 -6.38 -26.95 -25.01
N GLU A 162 -5.55 -26.10 -24.43
CA GLU A 162 -5.88 -25.43 -23.17
C GLU A 162 -5.54 -23.96 -23.34
N THR A 163 -6.52 -23.10 -23.12
CA THR A 163 -6.41 -21.67 -23.34
C THR A 163 -6.94 -20.94 -22.12
N THR A 164 -6.18 -19.96 -21.64
CA THR A 164 -6.59 -19.19 -20.48
C THR A 164 -7.65 -18.15 -20.85
N THR A 165 -8.39 -17.72 -19.84
CA THR A 165 -9.14 -16.49 -19.97
C THR A 165 -8.16 -15.32 -20.01
N PRO A 166 -8.43 -14.28 -20.80
CA PRO A 166 -7.53 -13.12 -20.77
C PRO A 166 -7.62 -12.42 -19.41
N SER A 167 -6.49 -11.93 -18.93
CA SER A 167 -6.44 -11.26 -17.64
C SER A 167 -5.79 -9.90 -17.84
N LYS A 168 -6.37 -8.90 -17.19
CA LYS A 168 -5.88 -7.55 -17.32
C LYS A 168 -4.51 -7.44 -16.74
N GLN A 169 -3.61 -6.93 -17.58
CA GLN A 169 -2.20 -6.75 -17.28
C GLN A 169 -1.93 -5.44 -16.54
N SER A 170 -0.65 -5.11 -16.38
CA SER A 170 -0.27 -3.89 -15.64
C SER A 170 -0.76 -2.59 -16.29
N ASN A 171 -0.66 -2.52 -17.60
CA ASN A 171 -0.99 -1.32 -18.34
C ASN A 171 -2.46 -1.15 -18.76
N ASN A 172 -3.29 -2.03 -18.21
CA ASN A 172 -4.74 -2.17 -18.43
C ASN A 172 -5.06 -2.97 -19.69
N LYS A 173 -4.01 -3.49 -20.33
CA LYS A 173 -4.06 -4.35 -21.51
C LYS A 173 -4.24 -5.79 -21.05
N TYR A 174 -4.25 -6.72 -21.98
CA TYR A 174 -4.54 -8.10 -21.58
C TYR A 174 -3.43 -9.03 -22.06
N ALA A 175 -3.37 -10.21 -21.42
CA ALA A 175 -2.50 -11.30 -21.86
C ALA A 175 -3.28 -12.61 -21.76
N ALA A 176 -2.96 -13.53 -22.66
CA ALA A 176 -3.48 -14.89 -22.55
C ALA A 176 -2.42 -15.84 -23.08
N SER A 177 -2.63 -17.14 -22.82
CA SER A 177 -1.73 -18.18 -23.31
C SER A 177 -2.56 -19.37 -23.75
N SER A 178 -2.05 -20.10 -24.74
CA SER A 178 -2.69 -21.33 -25.19
C SER A 178 -1.65 -22.44 -25.34
N TYR A 179 -2.07 -23.65 -25.03
CA TYR A 179 -1.21 -24.82 -24.95
C TYR A 179 -1.82 -25.95 -25.76
N LEU A 180 -1.04 -26.54 -26.66
CA LEU A 180 -1.47 -27.72 -27.39
C LEU A 180 -0.58 -28.89 -26.96
N SER A 181 -1.20 -29.87 -26.30
CA SER A 181 -0.49 -31.06 -25.83
C SER A 181 -0.65 -32.18 -26.86
N LEU A 182 0.49 -32.74 -27.28
CA LEU A 182 0.54 -33.81 -28.27
C LEU A 182 1.46 -34.90 -27.75
N THR A 183 1.37 -36.07 -28.36
CA THR A 183 2.44 -37.04 -28.18
C THR A 183 3.58 -36.66 -29.12
N PRO A 184 4.82 -37.07 -28.79
CA PRO A 184 5.94 -36.81 -29.72
C PRO A 184 5.69 -37.39 -31.10
N GLU A 185 4.95 -38.49 -31.18
CA GLU A 185 4.63 -39.10 -32.47
C GLU A 185 3.74 -38.18 -33.31
N GLN A 186 2.72 -37.56 -32.69
CA GLN A 186 1.87 -36.61 -33.41
C GLN A 186 2.66 -35.38 -33.85
N TRP A 187 3.59 -34.92 -33.01
CA TRP A 187 4.46 -33.80 -33.38
C TRP A 187 5.23 -34.11 -34.66
N LYS A 188 5.90 -35.26 -34.69
CA LYS A 188 6.72 -35.65 -35.84
C LYS A 188 5.90 -35.95 -37.08
N SER A 189 4.63 -36.35 -36.93
CA SER A 189 3.88 -36.90 -38.05
C SER A 189 3.42 -35.84 -39.04
N HIS A 190 3.25 -34.60 -38.60
CA HIS A 190 2.75 -33.54 -39.44
C HIS A 190 3.88 -32.65 -39.91
N ARG A 191 3.64 -31.95 -41.03
CA ARG A 191 4.64 -31.05 -41.57
C ARG A 191 4.79 -29.79 -40.74
N SER A 192 3.72 -29.39 -40.05
CA SER A 192 3.72 -28.14 -39.28
C SER A 192 2.48 -28.10 -38.41
N TYR A 193 2.57 -27.29 -37.35
CA TYR A 193 1.45 -26.94 -36.49
C TYR A 193 1.34 -25.42 -36.43
N SER A 194 0.11 -24.91 -36.29
CA SER A 194 -0.09 -23.47 -36.34
C SER A 194 -0.99 -22.99 -35.21
N CYS A 195 -0.62 -21.85 -34.60
CA CYS A 195 -1.44 -21.14 -33.62
C CYS A 195 -1.97 -19.88 -34.30
N GLN A 196 -3.30 -19.77 -34.39
CA GLN A 196 -3.95 -18.68 -35.11
C GLN A 196 -4.74 -17.82 -34.13
N VAL A 197 -4.34 -16.55 -33.97
CA VAL A 197 -4.90 -15.65 -32.97
C VAL A 197 -5.66 -14.51 -33.65
N THR A 198 -6.96 -14.40 -33.36
CA THR A 198 -7.83 -13.39 -33.96
C THR A 198 -8.22 -12.36 -32.90
N HIS A 199 -8.15 -11.07 -33.29
CA HIS A 199 -8.38 -9.93 -32.41
C HIS A 199 -8.87 -8.76 -33.26
N GLU A 200 -10.15 -8.39 -33.10
CA GLU A 200 -10.70 -7.18 -33.74
C GLU A 200 -10.46 -7.18 -35.26
N GLY A 201 -10.79 -8.30 -35.90
CA GLY A 201 -10.65 -8.36 -37.34
C GLY A 201 -9.24 -8.58 -37.85
N SER A 202 -8.23 -8.61 -36.97
CA SER A 202 -6.87 -8.97 -37.34
C SER A 202 -6.56 -10.42 -36.94
N THR A 203 -5.89 -11.16 -37.83
CA THR A 203 -5.52 -12.55 -37.56
C THR A 203 -4.02 -12.71 -37.72
N VAL A 204 -3.37 -13.35 -36.76
CA VAL A 204 -1.96 -13.65 -36.84
C VAL A 204 -1.78 -15.14 -36.63
N GLU A 205 -1.05 -15.79 -37.54
CA GLU A 205 -0.87 -17.24 -37.51
C GLU A 205 0.62 -17.55 -37.48
N LYS A 206 1.11 -18.01 -36.32
CA LYS A 206 2.48 -18.48 -36.18
C LYS A 206 2.55 -19.99 -36.40
N THR A 207 3.61 -20.43 -37.08
CA THR A 207 3.76 -21.82 -37.51
C THR A 207 5.11 -22.36 -37.06
N VAL A 208 5.11 -23.60 -36.59
CA VAL A 208 6.33 -24.29 -36.21
C VAL A 208 6.34 -25.67 -36.85
N ALA A 209 7.54 -26.16 -37.18
CA ALA A 209 7.64 -27.45 -37.84
C ALA A 209 8.63 -28.36 -37.13
N PRO A 210 8.33 -29.65 -37.04
CA PRO A 210 9.21 -30.56 -36.27
C PRO A 210 10.61 -30.70 -36.83
N THR A 211 10.82 -30.37 -38.11
CA THR A 211 12.14 -30.49 -38.73
C THR A 211 13.01 -29.26 -38.55
N GLU A 212 12.47 -28.17 -38.01
CA GLU A 212 13.24 -26.97 -37.75
C GLU A 212 13.41 -26.73 -36.25
N GLU B 1 0.83 3.10 9.49
CA GLU B 1 -0.09 2.57 8.48
C GLU B 1 -0.53 1.16 8.86
N VAL B 2 -1.65 0.74 8.30
CA VAL B 2 -2.33 -0.48 8.68
C VAL B 2 -1.84 -1.65 7.83
N GLN B 3 -1.65 -2.81 8.44
CA GLN B 3 -1.42 -4.00 7.63
C GLN B 3 -2.02 -5.24 8.29
N LEU B 4 -2.61 -6.10 7.48
CA LEU B 4 -3.18 -7.37 7.90
C LEU B 4 -2.51 -8.46 7.07
N VAL B 5 -1.95 -9.47 7.74
CA VAL B 5 -1.27 -10.56 7.05
C VAL B 5 -1.91 -11.90 7.42
N GLU B 6 -2.50 -12.56 6.42
CA GLU B 6 -3.12 -13.85 6.61
C GLU B 6 -2.09 -14.94 6.36
N SER B 7 -2.23 -16.04 7.08
CA SER B 7 -1.40 -17.20 6.80
C SER B 7 -2.20 -18.47 7.11
N GLY B 8 -1.69 -19.59 6.58
CA GLY B 8 -2.28 -20.89 6.82
C GLY B 8 -2.96 -21.53 5.64
N GLY B 9 -3.19 -20.78 4.55
CA GLY B 9 -3.83 -21.36 3.40
C GLY B 9 -2.94 -22.36 2.68
N GLY B 10 -3.57 -23.32 2.02
CA GLY B 10 -2.86 -24.35 1.29
C GLY B 10 -3.85 -25.40 0.83
N LEU B 11 -3.30 -26.51 0.34
CA LEU B 11 -4.12 -27.59 -0.20
C LEU B 11 -4.56 -28.52 0.92
N VAL B 12 -5.85 -28.87 0.92
CA VAL B 12 -6.41 -29.81 1.88
C VAL B 12 -7.50 -30.60 1.18
N GLU B 13 -7.72 -31.83 1.62
CA GLU B 13 -8.66 -32.66 0.88
C GLU B 13 -10.07 -32.51 1.44
N PRO B 14 -11.10 -32.76 0.61
CA PRO B 14 -12.47 -32.65 1.11
C PRO B 14 -12.67 -33.48 2.36
N GLY B 15 -13.41 -32.92 3.32
CA GLY B 15 -13.53 -33.47 4.65
C GLY B 15 -12.48 -32.96 5.61
N GLY B 16 -11.39 -32.39 5.10
CA GLY B 16 -10.27 -32.00 5.93
C GLY B 16 -10.51 -30.72 6.70
N SER B 17 -9.48 -30.31 7.41
CA SER B 17 -9.48 -29.13 8.25
C SER B 17 -8.25 -28.28 8.01
N LEU B 18 -8.38 -27.00 8.30
CA LEU B 18 -7.32 -26.03 8.21
C LEU B 18 -7.60 -24.92 9.20
N ARG B 19 -6.54 -24.23 9.58
CA ARG B 19 -6.65 -23.10 10.46
C ARG B 19 -5.96 -21.92 9.80
N LEU B 20 -6.66 -20.82 9.66
CA LEU B 20 -6.12 -19.61 9.07
C LEU B 20 -5.87 -18.61 10.18
N SER B 21 -4.77 -17.88 10.06
CA SER B 21 -4.34 -16.87 11.02
C SER B 21 -4.20 -15.51 10.36
N CYS B 22 -4.44 -14.44 11.12
CA CYS B 22 -4.30 -13.08 10.60
C CYS B 22 -3.69 -12.18 11.66
N ALA B 23 -2.51 -11.63 11.36
CA ALA B 23 -1.82 -10.68 12.23
C ALA B 23 -2.17 -9.24 11.82
N VAL B 24 -2.65 -8.46 12.78
CA VAL B 24 -3.15 -7.12 12.53
C VAL B 24 -2.21 -6.14 13.21
N SER B 25 -1.90 -5.04 12.50
CA SER B 25 -1.12 -3.96 13.09
C SER B 25 -1.58 -2.63 12.52
N GLY B 26 -1.43 -1.57 13.31
CA GLY B 26 -1.72 -0.23 12.86
C GLY B 26 -3.05 0.34 13.29
N PHE B 27 -3.89 -0.42 13.98
CA PHE B 27 -5.09 0.17 14.58
C PHE B 27 -5.46 -0.58 15.85
N ASP B 28 -6.41 -0.01 16.59
CA ASP B 28 -6.81 -0.49 17.92
C ASP B 28 -7.60 -1.79 17.75
N PHE B 29 -6.84 -2.89 17.61
CA PHE B 29 -7.45 -4.20 17.35
C PHE B 29 -8.47 -4.57 18.42
N GLU B 30 -8.26 -4.12 19.66
CA GLU B 30 -9.15 -4.47 20.76
C GLU B 30 -10.59 -4.03 20.48
N LYS B 31 -10.76 -2.88 19.82
CA LYS B 31 -12.08 -2.34 19.51
C LYS B 31 -12.66 -2.84 18.18
N ALA B 32 -11.90 -3.60 17.37
CA ALA B 32 -12.29 -3.89 16.00
C ALA B 32 -13.23 -5.08 15.88
N TRP B 33 -14.26 -4.91 15.08
CA TRP B 33 -15.12 -6.01 14.66
C TRP B 33 -14.49 -6.61 13.41
N MET B 34 -14.05 -7.86 13.50
CA MET B 34 -13.22 -8.47 12.47
C MET B 34 -13.99 -9.52 11.70
N SER B 35 -13.73 -9.60 10.40
CA SER B 35 -14.43 -10.52 9.52
C SER B 35 -13.46 -11.33 8.69
N TRP B 36 -13.91 -12.51 8.28
CA TRP B 36 -13.29 -13.20 7.15
C TRP B 36 -14.21 -13.08 5.95
N VAL B 37 -13.59 -12.87 4.79
CA VAL B 37 -14.31 -12.76 3.52
C VAL B 37 -13.51 -13.53 2.48
N ARG B 38 -14.18 -14.32 1.64
CA ARG B 38 -13.48 -15.16 0.66
C ARG B 38 -13.90 -14.81 -0.76
N GLN B 39 -13.04 -15.19 -1.71
CA GLN B 39 -13.25 -14.87 -3.12
C GLN B 39 -12.76 -16.03 -3.96
N ALA B 40 -13.71 -16.83 -4.46
CA ALA B 40 -13.39 -17.90 -5.39
C ALA B 40 -13.01 -17.35 -6.76
N PRO B 41 -12.19 -18.10 -7.53
CA PRO B 41 -11.69 -17.60 -8.82
C PRO B 41 -12.73 -16.93 -9.72
N GLY B 42 -12.46 -15.68 -10.09
CA GLY B 42 -13.35 -14.91 -10.96
C GLY B 42 -14.71 -14.60 -10.38
N GLN B 43 -14.92 -14.84 -9.09
CA GLN B 43 -16.20 -14.60 -8.45
C GLN B 43 -16.15 -13.31 -7.63
N GLY B 44 -17.31 -12.94 -7.07
CA GLY B 44 -17.37 -11.80 -6.17
C GLY B 44 -16.92 -12.14 -4.76
N LEU B 45 -16.84 -11.10 -3.93
CA LEU B 45 -16.49 -11.29 -2.53
C LEU B 45 -17.67 -11.91 -1.78
N GLN B 46 -17.36 -12.88 -0.92
CA GLN B 46 -18.38 -13.57 -0.13
C GLN B 46 -17.97 -13.54 1.33
N TRP B 47 -18.74 -12.81 2.14
CA TRP B 47 -18.50 -12.78 3.57
C TRP B 47 -18.67 -14.16 4.20
N VAL B 48 -17.75 -14.49 5.12
CA VAL B 48 -17.66 -15.82 5.71
C VAL B 48 -18.08 -15.80 7.17
N ALA B 49 -17.54 -14.87 7.95
CA ALA B 49 -17.71 -14.88 9.39
C ALA B 49 -17.25 -13.56 9.96
N ARG B 50 -17.81 -13.22 11.13
CA ARG B 50 -17.51 -11.99 11.87
C ARG B 50 -17.41 -12.31 13.35
N ILE B 51 -16.53 -11.60 14.06
CA ILE B 51 -16.51 -11.64 15.52
C ILE B 51 -16.44 -10.22 16.06
N LYS B 52 -17.37 -9.88 16.94
CA LYS B 52 -17.33 -8.56 17.55
C LYS B 52 -16.15 -8.43 18.51
N SER B 53 -15.90 -7.19 18.90
CA SER B 53 -14.95 -6.89 19.96
C SER B 53 -15.37 -7.61 21.24
N THR B 54 -14.36 -7.95 22.04
CA THR B 54 -14.60 -8.54 23.36
C THR B 54 -15.53 -7.65 24.19
N ALA B 55 -15.31 -6.34 24.17
CA ALA B 55 -16.13 -5.44 24.99
C ALA B 55 -17.59 -5.46 24.55
N ASP B 56 -17.86 -5.77 23.28
CA ASP B 56 -19.22 -5.96 22.79
C ASP B 56 -19.69 -7.42 22.86
N GLY B 57 -19.07 -8.23 23.70
CA GLY B 57 -19.51 -9.60 23.90
C GLY B 57 -18.84 -10.64 23.04
N GLY B 58 -18.04 -10.23 22.06
CA GLY B 58 -17.28 -11.18 21.26
C GLY B 58 -18.14 -12.09 20.42
N THR B 59 -19.33 -11.62 20.02
CA THR B 59 -20.31 -12.49 19.37
C THR B 59 -19.87 -12.86 17.97
N THR B 60 -19.96 -14.15 17.66
CA THR B 60 -19.63 -14.71 16.36
C THR B 60 -20.87 -14.82 15.49
N SER B 61 -20.66 -14.63 14.19
CA SER B 61 -21.70 -14.73 13.17
C SER B 61 -21.11 -15.43 11.96
N TYR B 62 -21.91 -16.26 11.28
CA TYR B 62 -21.40 -17.07 10.16
C TYR B 62 -22.29 -16.98 8.93
N ALA B 63 -21.66 -17.05 7.75
CA ALA B 63 -22.46 -17.16 6.54
C ALA B 63 -23.08 -18.53 6.50
N ALA B 64 -24.28 -18.61 5.93
CA ALA B 64 -25.03 -19.87 5.98
C ALA B 64 -24.29 -21.05 5.34
N PRO B 65 -23.55 -20.91 4.23
CA PRO B 65 -22.83 -22.07 3.68
C PRO B 65 -21.76 -22.64 4.59
N VAL B 66 -21.31 -21.89 5.59
CA VAL B 66 -20.24 -22.34 6.47
C VAL B 66 -20.68 -22.52 7.92
N GLU B 67 -21.86 -22.05 8.27
CA GLU B 67 -22.32 -22.13 9.64
C GLU B 67 -22.27 -23.58 10.11
N GLY B 68 -21.71 -23.76 11.28
CA GLY B 68 -21.55 -25.05 11.90
C GLY B 68 -20.28 -25.82 11.53
N ARG B 69 -19.61 -25.43 10.45
CA ARG B 69 -18.37 -26.09 10.08
C ARG B 69 -17.13 -25.27 10.45
N PHE B 70 -17.29 -23.96 10.42
CA PHE B 70 -16.19 -23.05 10.67
C PHE B 70 -16.33 -22.42 12.05
N ILE B 71 -15.21 -21.99 12.61
CA ILE B 71 -15.18 -21.30 13.91
C ILE B 71 -14.24 -20.10 13.78
N ILE B 72 -14.77 -18.88 14.00
CA ILE B 72 -13.93 -17.68 14.03
C ILE B 72 -13.60 -17.39 15.49
N SER B 73 -12.36 -16.94 15.76
CA SER B 73 -11.93 -16.60 17.11
C SER B 73 -10.85 -15.54 17.01
N ARG B 74 -10.58 -14.89 18.14
CA ARG B 74 -9.63 -13.78 18.21
C ARG B 74 -8.79 -13.93 19.47
N ASP B 75 -7.58 -13.36 19.42
CA ASP B 75 -6.68 -13.29 20.57
C ASP B 75 -6.17 -11.86 20.66
N ASP B 76 -6.78 -11.07 21.51
CA ASP B 76 -6.46 -9.66 21.67
C ASP B 76 -5.02 -9.41 22.11
N SER B 77 -4.49 -10.28 22.96
CA SER B 77 -3.14 -10.14 23.45
C SER B 77 -2.09 -10.16 22.34
N ARG B 78 -2.30 -10.96 21.32
CA ARG B 78 -1.41 -11.03 20.18
C ARG B 78 -1.91 -10.38 18.88
N ASN B 79 -3.02 -9.65 18.94
CA ASN B 79 -3.61 -9.00 17.76
C ASN B 79 -3.79 -10.03 16.64
N MET B 80 -4.37 -11.18 16.97
CA MET B 80 -4.54 -12.28 16.04
C MET B 80 -6.02 -12.59 15.79
N LEU B 81 -6.36 -12.83 14.54
CA LEU B 81 -7.64 -13.43 14.17
C LEU B 81 -7.39 -14.81 13.60
N TYR B 82 -8.35 -15.71 13.82
CA TYR B 82 -8.25 -17.11 13.41
C TYR B 82 -9.57 -17.53 12.80
N LEU B 83 -9.48 -18.40 11.79
CA LEU B 83 -10.62 -19.11 11.22
C LEU B 83 -10.28 -20.59 11.19
N GLN B 84 -10.99 -21.39 11.97
CA GLN B 84 -10.84 -22.82 11.95
C GLN B 84 -11.88 -23.38 10.99
N MET B 85 -11.43 -24.13 10.00
CA MET B 85 -12.27 -24.62 8.90
C MET B 85 -12.33 -26.14 8.96
N ASN B 86 -13.55 -26.70 8.94
CA ASN B 86 -13.72 -28.16 9.05
C ASN B 86 -14.64 -28.67 7.95
N SER B 87 -14.62 -29.99 7.76
CA SER B 87 -15.46 -30.66 6.77
C SER B 87 -15.44 -29.89 5.45
N LEU B 88 -14.24 -29.56 5.01
CA LEU B 88 -14.09 -28.66 3.88
C LEU B 88 -14.63 -29.29 2.60
N LYS B 89 -15.16 -28.44 1.71
CA LYS B 89 -15.72 -28.85 0.44
C LYS B 89 -14.96 -28.18 -0.70
N THR B 90 -15.03 -28.78 -1.90
CA THR B 90 -14.36 -28.18 -3.05
C THR B 90 -14.84 -26.75 -3.30
N GLU B 91 -16.13 -26.47 -3.05
CA GLU B 91 -16.71 -25.12 -3.15
C GLU B 91 -16.11 -24.11 -2.18
N ASP B 92 -15.35 -24.55 -1.16
CA ASP B 92 -14.68 -23.62 -0.24
C ASP B 92 -13.34 -23.11 -0.79
N THR B 93 -12.88 -23.66 -1.91
CA THR B 93 -11.68 -23.17 -2.58
C THR B 93 -11.80 -21.69 -2.92
N ALA B 94 -10.85 -20.89 -2.42
CA ALA B 94 -10.95 -19.43 -2.56
C ALA B 94 -9.73 -18.76 -1.93
N VAL B 95 -9.58 -17.48 -2.24
CA VAL B 95 -8.69 -16.64 -1.47
C VAL B 95 -9.46 -16.11 -0.26
N TYR B 96 -8.88 -16.30 0.94
CA TYR B 96 -9.50 -15.91 2.20
C TYR B 96 -8.86 -14.62 2.66
N TYR B 97 -9.70 -13.60 2.90
CA TYR B 97 -9.25 -12.30 3.33
C TYR B 97 -9.68 -12.02 4.77
N CYS B 98 -8.75 -11.45 5.53
CA CYS B 98 -9.02 -10.90 6.85
C CYS B 98 -9.32 -9.42 6.67
N THR B 99 -10.40 -8.92 7.27
CA THR B 99 -10.76 -7.54 6.95
C THR B 99 -11.52 -6.87 8.09
N SER B 100 -11.20 -5.58 8.29
CA SER B 100 -11.94 -4.63 9.13
C SER B 100 -11.78 -3.26 8.46
N ALA B 101 -12.53 -3.06 7.36
CA ALA B 101 -12.40 -1.93 6.43
C ALA B 101 -11.11 -2.03 5.62
N HIS B 102 -9.97 -2.23 6.30
CA HIS B 102 -8.75 -2.60 5.59
C HIS B 102 -8.75 -4.10 5.29
N TRP B 103 -7.85 -4.50 4.39
CA TRP B 103 -7.78 -5.87 3.87
C TRP B 103 -6.34 -6.37 3.88
N GLY B 104 -6.17 -7.64 4.24
CA GLY B 104 -4.90 -8.29 4.06
C GLY B 104 -4.70 -8.67 2.61
N GLN B 105 -3.57 -9.32 2.34
CA GLN B 105 -3.27 -9.78 0.99
C GLN B 105 -3.99 -11.07 0.62
N GLY B 106 -4.45 -11.82 1.62
CA GLY B 106 -5.20 -13.04 1.38
C GLY B 106 -4.32 -14.28 1.37
N THR B 107 -4.97 -15.41 1.57
CA THR B 107 -4.25 -16.68 1.60
C THR B 107 -5.10 -17.70 0.85
N LEU B 108 -4.43 -18.50 0.01
CA LEU B 108 -5.12 -19.35 -0.94
C LEU B 108 -5.49 -20.68 -0.30
N VAL B 109 -6.79 -20.99 -0.27
CA VAL B 109 -7.26 -22.28 0.22
C VAL B 109 -7.70 -23.12 -0.97
N THR B 110 -7.10 -24.29 -1.16
CA THR B 110 -7.48 -25.18 -2.26
C THR B 110 -8.01 -26.48 -1.67
N VAL B 111 -9.29 -26.78 -1.92
CA VAL B 111 -9.89 -28.04 -1.48
C VAL B 111 -9.99 -28.96 -2.67
N SER B 112 -9.29 -30.10 -2.62
CA SER B 112 -9.16 -30.99 -3.76
C SER B 112 -8.62 -32.32 -3.29
N SER B 113 -9.14 -33.40 -3.87
CA SER B 113 -8.61 -34.73 -3.61
C SER B 113 -7.30 -34.97 -4.34
N ALA B 114 -6.95 -34.13 -5.32
CA ALA B 114 -5.72 -34.32 -6.09
C ALA B 114 -4.51 -34.10 -5.20
N SER B 115 -3.41 -34.80 -5.49
CA SER B 115 -2.28 -34.66 -4.59
C SER B 115 -1.31 -33.58 -5.06
N THR B 116 -0.50 -33.09 -4.12
CA THR B 116 0.55 -32.14 -4.45
C THR B 116 1.52 -32.75 -5.46
N LYS B 117 1.91 -31.95 -6.44
CA LYS B 117 2.80 -32.40 -7.51
C LYS B 117 3.68 -31.24 -7.92
N GLY B 118 5.00 -31.37 -7.74
CA GLY B 118 5.94 -30.37 -8.21
C GLY B 118 6.00 -30.30 -9.73
N PRO B 119 6.53 -29.20 -10.27
CA PRO B 119 6.45 -28.97 -11.72
C PRO B 119 7.52 -29.72 -12.50
N SER B 120 7.22 -29.95 -13.78
CA SER B 120 8.23 -30.31 -14.77
C SER B 120 8.61 -29.04 -15.53
N VAL B 121 9.87 -28.65 -15.44
CA VAL B 121 10.34 -27.38 -16.00
C VAL B 121 11.14 -27.66 -17.28
N PHE B 122 10.67 -27.12 -18.39
CA PHE B 122 11.35 -27.26 -19.67
C PHE B 122 11.71 -25.89 -20.24
N PRO B 123 12.84 -25.79 -20.90
CA PRO B 123 13.25 -24.51 -21.49
C PRO B 123 12.51 -24.18 -22.78
N LEU B 124 12.27 -22.89 -23.00
CA LEU B 124 11.77 -22.38 -24.28
C LEU B 124 12.92 -21.62 -24.92
N ALA B 125 13.63 -22.30 -25.83
CA ALA B 125 14.83 -21.74 -26.41
C ALA B 125 14.51 -20.58 -27.33
N PRO B 126 15.34 -19.53 -27.36
CA PRO B 126 15.21 -18.51 -28.39
C PRO B 126 15.57 -19.10 -29.73
N SER B 127 14.82 -18.71 -30.74
CA SER B 127 15.16 -19.09 -32.10
C SER B 127 15.12 -17.84 -32.96
N SER B 128 15.06 -18.00 -34.28
CA SER B 128 14.89 -16.82 -35.12
C SER B 128 13.43 -16.38 -35.15
N LYS B 129 12.50 -17.34 -35.00
CA LYS B 129 11.08 -17.00 -35.00
C LYS B 129 10.65 -16.27 -33.73
N SER B 130 11.46 -16.31 -32.66
CA SER B 130 11.23 -15.50 -31.48
C SER B 130 12.25 -14.37 -31.37
N THR B 131 12.79 -13.93 -32.51
CA THR B 131 13.78 -12.86 -32.58
C THR B 131 13.31 -11.83 -33.60
N SER B 132 13.19 -10.58 -33.17
CA SER B 132 12.69 -9.50 -34.02
C SER B 132 13.05 -8.16 -33.41
N GLY B 133 13.57 -7.25 -34.22
CA GLY B 133 13.90 -5.93 -33.73
C GLY B 133 15.07 -5.90 -32.77
N GLY B 134 16.01 -6.82 -32.93
CA GLY B 134 17.19 -6.86 -32.10
C GLY B 134 17.03 -7.53 -30.75
N THR B 135 15.82 -7.92 -30.36
CA THR B 135 15.55 -8.59 -29.10
C THR B 135 15.03 -10.00 -29.34
N ALA B 136 15.35 -10.92 -28.43
CA ALA B 136 14.96 -12.32 -28.54
C ALA B 136 14.14 -12.74 -27.31
N ALA B 137 13.12 -13.56 -27.54
CA ALA B 137 12.28 -14.08 -26.46
C ALA B 137 12.71 -15.50 -26.12
N LEU B 138 12.90 -15.76 -24.85
CA LEU B 138 13.19 -17.11 -24.37
C LEU B 138 12.48 -17.28 -23.04
N GLY B 139 12.25 -18.53 -22.65
CA GLY B 139 11.51 -18.69 -21.43
C GLY B 139 11.63 -20.06 -20.82
N CYS B 140 10.75 -20.32 -19.85
CA CYS B 140 10.59 -21.64 -19.29
C CYS B 140 9.11 -22.01 -19.29
N LEU B 141 8.84 -23.27 -19.58
CA LEU B 141 7.53 -23.87 -19.42
C LEU B 141 7.48 -24.59 -18.07
N VAL B 142 6.56 -24.19 -17.20
CA VAL B 142 6.41 -24.83 -15.89
C VAL B 142 5.17 -25.72 -15.99
N LYS B 143 5.36 -27.02 -16.18
CA LYS B 143 4.28 -27.89 -16.62
C LYS B 143 3.79 -28.77 -15.47
N ASP B 144 2.45 -28.89 -15.37
CA ASP B 144 1.78 -29.95 -14.60
C ASP B 144 2.14 -29.91 -13.11
N TYR B 145 1.76 -28.83 -12.45
CA TYR B 145 1.99 -28.72 -11.02
C TYR B 145 0.68 -28.50 -10.30
N PHE B 146 0.72 -28.69 -8.98
CA PHE B 146 -0.46 -28.58 -8.13
C PHE B 146 -0.03 -28.56 -6.66
N PRO B 147 -0.61 -27.70 -5.84
CA PRO B 147 -1.52 -26.60 -6.18
C PRO B 147 -0.74 -25.38 -6.63
N GLU B 148 -1.43 -24.31 -6.99
CA GLU B 148 -0.81 -23.00 -7.05
C GLU B 148 -0.28 -22.67 -5.65
N PRO B 149 0.74 -21.80 -5.56
CA PRO B 149 1.33 -21.08 -6.68
C PRO B 149 2.75 -21.48 -7.02
N VAL B 150 3.16 -21.05 -8.20
CA VAL B 150 4.53 -21.12 -8.66
C VAL B 150 5.01 -19.69 -8.87
N THR B 151 6.25 -19.41 -8.53
CA THR B 151 6.85 -18.12 -8.82
C THR B 151 8.13 -18.38 -9.59
N VAL B 152 8.46 -17.44 -10.48
CA VAL B 152 9.60 -17.59 -11.36
C VAL B 152 10.45 -16.33 -11.26
N SER B 153 11.75 -16.53 -11.19
CA SER B 153 12.71 -15.44 -11.33
C SER B 153 13.74 -15.86 -12.36
N TRP B 154 14.64 -14.95 -12.69
CA TRP B 154 15.63 -15.19 -13.74
C TRP B 154 17.01 -14.78 -13.25
N ASN B 155 18.01 -15.61 -13.55
CA ASN B 155 19.40 -15.46 -13.09
C ASN B 155 19.47 -15.07 -11.62
N SER B 156 18.74 -15.84 -10.80
CA SER B 156 18.66 -15.64 -9.35
C SER B 156 18.14 -14.25 -8.97
N GLY B 157 17.30 -13.66 -9.83
CA GLY B 157 16.73 -12.36 -9.56
C GLY B 157 17.60 -11.19 -9.97
N ALA B 158 18.72 -11.43 -10.64
CA ALA B 158 19.55 -10.34 -11.18
C ALA B 158 18.99 -9.79 -12.50
N LEU B 159 18.19 -10.59 -13.21
CA LEU B 159 17.48 -10.16 -14.42
C LEU B 159 16.02 -9.98 -14.04
N THR B 160 15.62 -8.72 -13.80
CA THR B 160 14.24 -8.41 -13.45
C THR B 160 13.54 -7.59 -14.53
N SER B 161 14.28 -6.97 -15.44
CA SER B 161 13.67 -6.21 -16.52
C SER B 161 13.25 -7.14 -17.66
N GLY B 162 12.14 -6.79 -18.31
CA GLY B 162 11.69 -7.50 -19.49
C GLY B 162 11.20 -8.91 -19.23
N VAL B 163 10.77 -9.19 -18.01
CA VAL B 163 10.27 -10.50 -17.59
C VAL B 163 8.74 -10.51 -17.69
N HIS B 164 8.19 -11.53 -18.33
CA HIS B 164 6.75 -11.71 -18.47
C HIS B 164 6.39 -13.13 -18.03
N THR B 165 5.88 -13.27 -16.81
CA THR B 165 5.37 -14.54 -16.31
C THR B 165 3.85 -14.55 -16.40
N PHE B 166 3.31 -15.53 -17.16
CA PHE B 166 1.90 -15.59 -17.55
C PHE B 166 1.04 -16.24 -16.47
N PRO B 167 -0.22 -15.81 -16.35
CA PRO B 167 -1.16 -16.55 -15.50
C PRO B 167 -1.24 -18.02 -15.92
N ALA B 168 -1.35 -18.88 -14.92
CA ALA B 168 -1.36 -20.31 -15.15
C ALA B 168 -2.64 -20.76 -15.83
N VAL B 169 -2.54 -21.76 -16.69
CA VAL B 169 -3.74 -22.39 -17.20
C VAL B 169 -4.13 -23.50 -16.23
N LEU B 170 -5.43 -23.65 -15.97
CA LEU B 170 -5.94 -24.80 -15.23
C LEU B 170 -6.48 -25.81 -16.24
N GLN B 171 -5.79 -26.93 -16.38
CA GLN B 171 -6.10 -27.90 -17.41
C GLN B 171 -7.23 -28.83 -16.98
N SER B 172 -7.78 -29.56 -17.96
CA SER B 172 -8.81 -30.56 -17.71
C SER B 172 -8.35 -31.60 -16.69
N SER B 173 -7.05 -31.87 -16.63
CA SER B 173 -6.44 -32.83 -15.72
C SER B 173 -6.57 -32.43 -14.25
N GLY B 174 -6.90 -31.18 -13.97
CA GLY B 174 -6.79 -30.66 -12.63
C GLY B 174 -5.45 -30.02 -12.32
N LEU B 175 -4.49 -30.19 -13.22
CA LEU B 175 -3.17 -29.66 -13.07
C LEU B 175 -2.98 -28.29 -13.73
N TYR B 176 -2.01 -27.53 -13.24
CA TYR B 176 -1.69 -26.22 -13.73
C TYR B 176 -0.39 -26.20 -14.52
N SER B 177 -0.33 -25.29 -15.49
CA SER B 177 0.88 -25.03 -16.25
C SER B 177 0.98 -23.52 -16.44
N LEU B 178 2.20 -23.03 -16.51
CA LEU B 178 2.45 -21.63 -16.76
C LEU B 178 3.79 -21.45 -17.46
N SER B 179 3.95 -20.32 -18.13
CA SER B 179 5.18 -20.00 -18.83
C SER B 179 5.70 -18.65 -18.37
N SER B 180 7.02 -18.50 -18.39
CA SER B 180 7.71 -17.25 -18.07
C SER B 180 8.63 -16.95 -19.23
N VAL B 181 8.54 -15.74 -19.78
CA VAL B 181 9.36 -15.34 -20.92
CA VAL B 181 9.36 -15.34 -20.92
C VAL B 181 10.12 -14.08 -20.55
N VAL B 182 11.40 -14.04 -20.91
CA VAL B 182 12.20 -12.83 -20.78
C VAL B 182 12.63 -12.42 -22.18
N THR B 183 12.58 -11.11 -22.46
CA THR B 183 13.08 -10.57 -23.72
C THR B 183 14.45 -9.97 -23.49
N VAL B 184 15.41 -10.36 -24.32
CA VAL B 184 16.82 -10.03 -24.09
C VAL B 184 17.45 -9.64 -25.42
N PRO B 185 18.55 -8.89 -25.37
CA PRO B 185 19.25 -8.55 -26.62
C PRO B 185 19.72 -9.80 -27.35
N SER B 186 19.57 -9.75 -28.68
CA SER B 186 19.94 -10.88 -29.54
C SER B 186 21.43 -11.14 -29.54
N SER B 187 22.26 -10.09 -29.43
CA SER B 187 23.70 -10.26 -29.44
C SER B 187 24.25 -10.79 -28.12
N SER B 188 23.43 -10.81 -27.06
CA SER B 188 23.87 -11.40 -25.81
C SER B 188 23.72 -12.91 -25.79
N LEU B 189 22.97 -13.48 -26.75
CA LEU B 189 22.63 -14.90 -26.68
C LEU B 189 23.86 -15.80 -26.68
N GLY B 190 24.93 -15.38 -27.36
CA GLY B 190 26.12 -16.22 -27.39
C GLY B 190 26.96 -16.15 -26.14
N THR B 191 26.84 -15.08 -25.36
CA THR B 191 27.74 -14.81 -24.26
C THR B 191 27.07 -14.81 -22.89
N GLN B 192 25.78 -14.47 -22.81
CA GLN B 192 25.09 -14.38 -21.54
C GLN B 192 24.39 -15.69 -21.23
N THR B 193 24.55 -16.18 -20.00
CA THR B 193 23.78 -17.33 -19.54
C THR B 193 22.41 -16.89 -19.05
N TYR B 194 21.37 -17.68 -19.36
CA TYR B 194 20.03 -17.46 -18.84
C TYR B 194 19.53 -18.70 -18.11
N ILE B 195 19.14 -18.52 -16.84
CA ILE B 195 18.59 -19.59 -16.03
C ILE B 195 17.28 -19.10 -15.43
N CYS B 196 16.21 -19.85 -15.62
CA CYS B 196 15.00 -19.57 -14.86
C CYS B 196 14.99 -20.36 -13.56
N ASN B 197 14.58 -19.69 -12.49
CA ASN B 197 14.54 -20.25 -11.13
C ASN B 197 13.08 -20.41 -10.75
N VAL B 198 12.57 -21.66 -10.71
CA VAL B 198 11.17 -21.95 -10.39
C VAL B 198 11.08 -22.28 -8.91
N ASN B 199 10.15 -21.64 -8.19
CA ASN B 199 9.86 -21.97 -6.79
C ASN B 199 8.44 -22.50 -6.70
N HIS B 200 8.29 -23.73 -6.23
CA HIS B 200 6.98 -24.33 -5.96
C HIS B 200 7.00 -24.69 -4.47
N LYS B 201 6.81 -23.68 -3.63
CA LYS B 201 6.78 -23.91 -2.19
C LYS B 201 5.82 -25.00 -1.74
N PRO B 202 4.63 -25.18 -2.32
CA PRO B 202 3.76 -26.27 -1.83
C PRO B 202 4.41 -27.65 -1.90
N SER B 203 5.34 -27.89 -2.82
CA SER B 203 6.07 -29.16 -2.85
C SER B 203 7.51 -29.02 -2.36
N ASN B 204 7.89 -27.90 -1.76
CA ASN B 204 9.25 -27.65 -1.27
C ASN B 204 10.29 -27.91 -2.37
N THR B 205 9.99 -27.43 -3.57
CA THR B 205 10.83 -27.68 -4.73
C THR B 205 11.31 -26.35 -5.30
N LYS B 206 12.61 -26.28 -5.59
CA LYS B 206 13.15 -25.24 -6.47
C LYS B 206 13.86 -25.94 -7.63
N VAL B 207 13.68 -25.40 -8.84
CA VAL B 207 14.32 -25.90 -10.05
C VAL B 207 15.01 -24.72 -10.74
N ASP B 208 16.32 -24.84 -10.98
CA ASP B 208 17.03 -23.90 -11.83
C ASP B 208 17.24 -24.54 -13.20
N LYS B 209 16.61 -23.97 -14.23
CA LYS B 209 16.66 -24.55 -15.58
C LYS B 209 17.44 -23.63 -16.51
N ARG B 210 18.58 -24.13 -17.00
CA ARG B 210 19.34 -23.39 -18.00
C ARG B 210 18.61 -23.35 -19.33
N VAL B 211 18.50 -22.16 -19.93
CA VAL B 211 17.87 -21.96 -21.23
C VAL B 211 18.95 -21.52 -22.21
N GLU B 212 19.22 -22.37 -23.21
CA GLU B 212 20.31 -22.16 -24.16
C GLU B 212 19.77 -22.09 -25.58
N PRO B 213 20.44 -21.35 -26.48
CA PRO B 213 19.93 -21.21 -27.84
C PRO B 213 19.90 -22.55 -28.56
N LYS B 214 18.91 -22.72 -29.44
CA LYS B 214 18.70 -24.00 -30.10
C LYS B 214 19.70 -24.22 -31.21
N MET C 2 -5.66 4.76 10.58
CA MET C 2 -5.60 4.28 11.96
C MET C 2 -6.98 4.17 12.60
N ASP C 3 -7.87 5.13 12.32
CA ASP C 3 -9.20 5.12 12.91
C ASP C 3 -10.29 4.61 11.95
N VAL C 4 -9.89 4.10 10.78
CA VAL C 4 -10.84 3.55 9.83
C VAL C 4 -10.75 2.04 9.96
N PHE C 5 -11.61 1.49 10.82
CA PHE C 5 -11.86 0.06 10.90
C PHE C 5 -13.31 -0.10 11.37
N MET C 6 -13.81 -1.34 11.37
CA MET C 6 -15.21 -1.59 11.73
C MET C 6 -15.32 -1.66 13.24
N LYS C 7 -16.23 -0.85 13.78
CA LYS C 7 -16.43 -0.75 15.22
C LYS C 7 -17.84 -1.15 15.65
N GLY C 8 -18.65 -1.64 14.73
CA GLY C 8 -19.99 -2.08 15.04
C GLY C 8 -21.03 -0.97 15.10
N LEU C 9 -20.63 0.21 14.63
CA LEU C 9 -21.47 1.39 14.64
C LEU C 9 -22.64 1.30 13.69
N SER C 10 -23.74 1.92 14.10
CA SER C 10 -24.97 1.97 13.36
C SER C 10 -25.52 3.38 13.36
N LYS C 11 -26.47 3.67 12.50
CA LYS C 11 -27.06 4.99 12.45
C LYS C 11 -28.02 5.19 13.62
N SER D 1 30.61 10.80 2.18
CA SER D 1 31.44 11.69 1.36
C SER D 1 30.83 11.87 -0.02
N TYR D 2 30.44 10.76 -0.65
CA TYR D 2 29.68 10.80 -1.88
C TYR D 2 28.31 11.42 -1.63
N GLU D 3 27.88 12.31 -2.51
CA GLU D 3 26.58 12.95 -2.34
C GLU D 3 25.79 12.94 -3.64
N LEU D 4 24.48 12.80 -3.49
CA LEU D 4 23.53 12.89 -4.60
C LEU D 4 22.74 14.17 -4.43
N THR D 5 22.69 14.98 -5.49
CA THR D 5 22.02 16.26 -5.43
C THR D 5 20.64 16.17 -6.07
N GLN D 6 19.61 16.56 -5.31
CA GLN D 6 18.22 16.68 -5.73
C GLN D 6 17.72 18.10 -5.50
N PRO D 7 16.87 18.62 -6.38
CA PRO D 7 16.24 19.92 -6.09
C PRO D 7 15.34 19.80 -4.88
N PRO D 8 15.35 20.78 -3.96
CA PRO D 8 14.44 20.69 -2.81
C PRO D 8 12.97 20.73 -3.20
N SER D 9 12.63 21.47 -4.26
CA SER D 9 11.24 21.72 -4.63
C SER D 9 11.04 21.65 -6.14
N VAL D 10 9.91 21.05 -6.54
CA VAL D 10 9.41 21.03 -7.90
C VAL D 10 7.88 21.13 -7.79
N SER D 11 7.25 21.93 -8.64
CA SER D 11 5.80 22.00 -8.59
C SER D 11 5.22 21.94 -9.99
N VAL D 12 4.03 21.34 -10.10
CA VAL D 12 3.39 21.06 -11.38
C VAL D 12 1.88 21.14 -11.20
N SER D 13 1.18 21.37 -12.29
CA SER D 13 -0.27 21.32 -12.35
C SER D 13 -0.72 19.92 -12.77
N PRO D 14 -1.90 19.48 -12.35
CA PRO D 14 -2.37 18.15 -12.75
C PRO D 14 -2.38 17.99 -14.27
N GLY D 15 -2.12 16.77 -14.72
CA GLY D 15 -2.02 16.49 -16.13
C GLY D 15 -0.69 16.84 -16.78
N GLN D 16 0.10 17.73 -16.18
CA GLN D 16 1.43 18.03 -16.69
C GLN D 16 2.40 16.90 -16.37
N THR D 17 3.65 17.09 -16.77
CA THR D 17 4.69 16.10 -16.63
C THR D 17 5.74 16.62 -15.67
N ALA D 18 6.05 15.83 -14.66
CA ALA D 18 6.94 16.23 -13.57
C ALA D 18 8.29 15.54 -13.74
N ARG D 19 9.36 16.30 -13.54
CA ARG D 19 10.72 15.77 -13.65
C ARG D 19 11.48 16.07 -12.38
N ILE D 20 11.91 15.02 -11.71
CA ILE D 20 12.76 15.13 -10.52
C ILE D 20 14.11 14.57 -10.91
N THR D 21 15.15 15.36 -10.76
CA THR D 21 16.50 14.90 -11.08
C THR D 21 17.25 14.52 -9.82
N CYS D 22 18.26 13.69 -10.03
CA CYS D 22 19.15 13.22 -8.98
C CYS D 22 20.51 13.15 -9.65
N SER D 23 21.45 13.96 -9.19
CA SER D 23 22.73 14.13 -9.85
C SER D 23 23.87 13.61 -8.97
N GLY D 24 24.77 12.84 -9.57
CA GLY D 24 25.78 12.11 -8.82
C GLY D 24 26.84 11.49 -9.70
N GLU D 25 28.09 11.56 -9.26
CA GLU D 25 29.21 11.19 -10.12
C GLU D 25 29.27 9.68 -10.39
N ALA D 26 28.79 8.84 -9.48
CA ALA D 26 28.89 7.38 -9.61
C ALA D 26 27.69 6.75 -10.31
N LEU D 27 26.72 7.55 -10.73
CA LEU D 27 25.57 7.01 -11.45
C LEU D 27 25.89 6.25 -12.74
N PRO D 28 26.98 6.51 -13.48
CA PRO D 28 27.29 5.62 -14.61
C PRO D 28 27.67 4.23 -14.18
N MET D 29 28.12 4.03 -12.94
CA MET D 29 28.55 2.73 -12.44
C MET D 29 27.50 2.04 -11.57
N GLN D 30 26.57 2.77 -10.97
CA GLN D 30 25.68 2.23 -9.98
C GLN D 30 24.23 2.59 -10.27
N PHE D 31 23.34 1.66 -9.91
CA PHE D 31 21.91 1.88 -10.09
C PHE D 31 21.38 2.92 -9.11
N ALA D 32 20.42 3.70 -9.61
CA ALA D 32 19.63 4.62 -8.84
C ALA D 32 18.28 3.97 -8.57
N HIS D 33 17.71 4.28 -7.41
CA HIS D 33 16.36 3.86 -7.02
C HIS D 33 15.61 5.07 -6.49
N TRP D 34 14.27 5.05 -6.62
CA TRP D 34 13.44 6.21 -6.32
C TRP D 34 12.33 5.80 -5.37
N TYR D 35 12.12 6.61 -4.33
CA TYR D 35 11.09 6.36 -3.34
C TYR D 35 10.15 7.55 -3.23
N GLN D 36 8.87 7.25 -3.14
CA GLN D 36 7.84 8.19 -2.77
C GLN D 36 7.59 8.09 -1.27
N GLN D 37 7.52 9.23 -0.57
CA GLN D 37 7.12 9.21 0.83
C GLN D 37 6.01 10.23 1.06
N ARG D 38 4.81 9.74 1.35
CA ARG D 38 3.71 10.63 1.66
C ARG D 38 3.80 11.10 3.12
N PRO D 39 3.17 12.23 3.44
CA PRO D 39 3.29 12.78 4.79
C PRO D 39 2.79 11.81 5.86
N GLY D 40 3.66 11.54 6.83
CA GLY D 40 3.36 10.63 7.90
C GLY D 40 3.42 9.15 7.56
N LYS D 41 3.85 8.80 6.35
CA LYS D 41 3.94 7.40 5.93
C LYS D 41 5.39 7.01 5.67
N ALA D 42 5.62 5.70 5.50
CA ALA D 42 6.91 5.15 5.14
C ALA D 42 7.14 5.26 3.62
N PRO D 43 8.41 5.30 3.18
CA PRO D 43 8.70 5.36 1.74
C PRO D 43 8.21 4.09 1.05
N VAL D 44 7.82 4.23 -0.22
CA VAL D 44 7.55 3.09 -1.10
C VAL D 44 8.36 3.28 -2.38
N ILE D 45 8.94 2.20 -2.88
CA ILE D 45 9.78 2.33 -4.07
C ILE D 45 8.89 2.51 -5.29
N VAL D 46 9.26 3.47 -6.13
CA VAL D 46 8.58 3.67 -7.41
C VAL D 46 9.49 3.44 -8.61
N VAL D 47 10.82 3.49 -8.46
CA VAL D 47 11.74 3.07 -9.51
C VAL D 47 12.83 2.21 -8.86
N TYR D 48 13.12 1.07 -9.50
CA TYR D 48 14.13 0.13 -9.10
C TYR D 48 15.17 -0.03 -10.22
N LYS D 49 16.44 -0.04 -9.85
CA LYS D 49 17.54 -0.23 -10.81
C LYS D 49 17.41 0.65 -12.06
N ASP D 50 17.44 1.97 -11.83
CA ASP D 50 17.41 3.02 -12.86
C ASP D 50 16.06 3.22 -13.54
N SER D 51 15.43 2.14 -14.06
CA SER D 51 14.32 2.33 -14.97
C SER D 51 13.23 1.26 -14.92
N GLU D 52 13.25 0.37 -13.94
CA GLU D 52 12.28 -0.71 -13.87
C GLU D 52 11.15 -0.31 -12.93
N ARG D 53 9.92 -0.70 -13.29
CA ARG D 53 8.74 -0.30 -12.52
C ARG D 53 8.29 -1.42 -11.62
N PRO D 54 8.32 -1.24 -10.29
CA PRO D 54 7.88 -2.30 -9.38
C PRO D 54 6.38 -2.54 -9.51
N SER D 55 5.97 -3.76 -9.18
CA SER D 55 4.57 -4.16 -9.29
C SER D 55 3.69 -3.24 -8.45
N GLY D 56 2.57 -2.83 -9.03
CA GLY D 56 1.61 -1.97 -8.35
C GLY D 56 1.81 -0.49 -8.59
N VAL D 57 3.04 -0.08 -8.88
CA VAL D 57 3.32 1.33 -9.16
C VAL D 57 2.62 1.73 -10.46
N PRO D 58 1.88 2.84 -10.50
CA PRO D 58 1.20 3.25 -11.73
C PRO D 58 2.18 3.48 -12.87
N GLU D 59 1.72 3.17 -14.09
CA GLU D 59 2.55 3.30 -15.28
C GLU D 59 2.98 4.74 -15.54
N ARG D 60 2.38 5.74 -14.91
CA ARG D 60 2.86 7.11 -15.15
C ARG D 60 4.21 7.37 -14.50
N PHE D 61 4.69 6.49 -13.64
CA PHE D 61 6.00 6.65 -13.02
C PHE D 61 7.04 5.96 -13.88
N SER D 62 8.06 6.69 -14.30
CA SER D 62 9.12 6.03 -15.05
C SER D 62 10.45 6.67 -14.67
N GLY D 63 11.50 5.85 -14.65
CA GLY D 63 12.82 6.33 -14.36
C GLY D 63 13.75 6.12 -15.52
N SER D 64 14.82 6.91 -15.57
CA SER D 64 15.89 6.64 -16.51
C SER D 64 17.15 7.25 -15.92
N SER D 65 18.28 6.95 -16.56
CA SER D 65 19.54 7.41 -15.99
C SER D 65 20.59 7.36 -17.08
N SER D 66 21.30 8.46 -17.26
CA SER D 66 22.36 8.52 -18.24
C SER D 66 23.38 9.52 -17.73
N GLY D 67 24.65 9.22 -17.97
CA GLY D 67 25.71 10.04 -17.41
C GLY D 67 25.59 10.17 -15.91
N THR D 68 25.65 11.42 -15.44
CA THR D 68 25.66 11.70 -14.01
C THR D 68 24.30 12.18 -13.51
N THR D 69 23.23 11.87 -14.23
CA THR D 69 21.90 12.30 -13.79
C THR D 69 20.93 11.15 -13.95
N ALA D 70 20.21 10.85 -12.87
CA ALA D 70 19.08 9.95 -12.88
C ALA D 70 17.83 10.79 -12.71
N THR D 71 16.79 10.47 -13.47
CA THR D 71 15.58 11.26 -13.51
C THR D 71 14.33 10.40 -13.29
N LEU D 72 13.48 10.83 -12.35
CA LEU D 72 12.13 10.29 -12.18
C LEU D 72 11.15 11.19 -12.92
N THR D 73 10.46 10.63 -13.92
CA THR D 73 9.43 11.33 -14.68
C THR D 73 8.04 10.86 -14.27
N ILE D 74 7.14 11.81 -14.00
CA ILE D 74 5.73 11.47 -13.77
C ILE D 74 4.90 12.16 -14.83
N THR D 75 4.34 11.38 -15.75
CA THR D 75 3.46 11.93 -16.78
C THR D 75 2.03 11.97 -16.27
N GLY D 76 1.27 12.94 -16.77
CA GLY D 76 -0.10 13.16 -16.34
C GLY D 76 -0.27 13.16 -14.84
N VAL D 77 0.47 14.04 -14.17
CA VAL D 77 0.59 14.00 -12.71
C VAL D 77 -0.78 14.12 -12.04
N GLN D 78 -0.97 13.35 -10.97
CA GLN D 78 -2.22 13.35 -10.21
C GLN D 78 -2.02 14.04 -8.88
N ALA D 79 -3.15 14.46 -8.29
CA ALA D 79 -3.10 15.13 -7.00
C ALA D 79 -2.44 14.26 -5.95
N GLU D 80 -2.74 12.96 -5.96
CA GLU D 80 -2.19 12.07 -4.93
C GLU D 80 -0.68 11.84 -5.10
N ASP D 81 -0.07 12.35 -6.16
CA ASP D 81 1.38 12.23 -6.33
C ASP D 81 2.15 13.29 -5.56
N GLU D 82 1.46 14.28 -4.98
CA GLU D 82 2.12 15.20 -4.06
C GLU D 82 2.72 14.43 -2.90
N ALA D 83 4.03 14.58 -2.72
CA ALA D 83 4.82 13.82 -1.76
C ALA D 83 6.29 14.23 -1.88
N ASP D 84 7.13 13.69 -1.02
CA ASP D 84 8.57 13.84 -1.13
C ASP D 84 9.14 12.63 -1.84
N TYR D 85 10.06 12.88 -2.78
CA TYR D 85 10.70 11.83 -3.56
C TYR D 85 12.18 11.85 -3.25
N TYR D 86 12.73 10.68 -2.92
CA TYR D 86 14.15 10.53 -2.67
C TYR D 86 14.76 9.57 -3.68
N CYS D 87 15.99 9.86 -4.08
CA CYS D 87 16.80 8.90 -4.82
C CYS D 87 17.84 8.28 -3.90
N GLN D 88 18.29 7.09 -4.26
CA GLN D 88 19.27 6.36 -3.46
C GLN D 88 20.25 5.70 -4.41
N SER D 89 21.54 5.81 -4.12
CA SER D 89 22.51 5.15 -4.97
C SER D 89 23.75 4.94 -4.12
N PRO D 90 24.48 3.84 -4.29
CA PRO D 90 25.71 3.62 -3.52
C PRO D 90 26.87 4.39 -4.13
N ASP D 91 27.99 4.44 -3.40
CA ASP D 91 29.16 5.15 -3.86
C ASP D 91 29.78 4.39 -5.01
N SER D 92 30.85 4.93 -5.58
CA SER D 92 31.50 4.30 -6.71
C SER D 92 31.97 2.87 -6.43
N THR D 93 32.46 2.59 -5.23
CA THR D 93 32.89 1.27 -4.85
C THR D 93 31.75 0.37 -4.33
N ASN D 94 30.53 0.88 -4.23
CA ASN D 94 29.43 0.08 -3.68
C ASN D 94 29.76 -0.41 -2.26
N THR D 95 30.30 0.48 -1.45
CA THR D 95 30.57 0.17 -0.05
C THR D 95 29.51 0.76 0.88
N TYR D 96 28.97 1.94 0.56
CA TYR D 96 27.96 2.58 1.38
C TYR D 96 26.85 3.12 0.48
N GLU D 97 25.68 3.28 1.07
CA GLU D 97 24.50 3.78 0.38
C GLU D 97 24.36 5.29 0.64
N VAL D 98 23.95 6.04 -0.37
CA VAL D 98 23.71 7.47 -0.24
C VAL D 98 22.28 7.78 -0.62
N PHE D 99 21.63 8.66 0.13
CA PHE D 99 20.32 9.19 -0.25
C PHE D 99 20.46 10.64 -0.70
N GLY D 100 19.70 11.00 -1.73
CA GLY D 100 19.54 12.41 -2.08
C GLY D 100 18.80 13.16 -0.99
N GLY D 101 18.85 14.49 -1.08
CA GLY D 101 18.22 15.35 -0.08
C GLY D 101 16.70 15.33 -0.09
N GLY D 102 16.09 14.71 -1.08
CA GLY D 102 14.65 14.71 -1.24
C GLY D 102 14.17 15.90 -2.05
N THR D 103 13.00 15.72 -2.68
CA THR D 103 12.34 16.74 -3.47
C THR D 103 10.87 16.75 -3.07
N LYS D 104 10.39 17.87 -2.54
CA LYS D 104 8.97 18.02 -2.26
C LYS D 104 8.29 18.38 -3.58
N LEU D 105 7.44 17.48 -4.08
CA LEU D 105 6.69 17.71 -5.30
C LEU D 105 5.31 18.22 -4.92
N THR D 106 5.03 19.47 -5.29
CA THR D 106 3.71 20.08 -5.06
C THR D 106 2.90 19.95 -6.34
N VAL D 107 1.72 19.34 -6.23
CA VAL D 107 0.76 19.27 -7.32
C VAL D 107 -0.31 20.31 -7.05
N LEU D 108 -0.44 21.29 -7.96
CA LEU D 108 -1.34 22.42 -7.75
C LEU D 108 -2.77 22.01 -8.15
N SER D 109 -3.31 21.07 -7.38
CA SER D 109 -4.64 20.50 -7.53
C SER D 109 -5.74 21.29 -6.85
N GLN D 110 -5.42 22.34 -6.09
CA GLN D 110 -6.47 23.07 -5.35
C GLN D 110 -6.55 24.52 -5.80
N PRO D 111 -7.74 25.09 -5.87
CA PRO D 111 -7.86 26.53 -6.08
C PRO D 111 -7.38 27.28 -4.84
N LYS D 112 -6.89 28.50 -5.05
CA LYS D 112 -6.46 29.32 -3.91
C LYS D 112 -7.64 29.57 -2.99
N ALA D 113 -7.38 29.49 -1.69
CA ALA D 113 -8.39 29.73 -0.70
C ALA D 113 -7.87 30.48 0.51
N ALA D 114 -8.67 31.41 1.01
CA ALA D 114 -8.36 32.21 2.19
C ALA D 114 -8.64 31.40 3.45
N PRO D 115 -7.81 31.56 4.47
CA PRO D 115 -8.03 30.78 5.69
C PRO D 115 -9.20 31.23 6.52
N SER D 116 -9.79 30.28 7.21
CA SER D 116 -10.81 30.53 8.20
C SER D 116 -10.05 30.49 9.52
N VAL D 117 -10.38 31.40 10.43
CA VAL D 117 -9.72 31.44 11.71
C VAL D 117 -10.67 31.28 12.89
N THR D 118 -10.31 30.38 13.80
CA THR D 118 -11.06 30.12 15.01
C THR D 118 -10.15 30.32 16.21
N LEU D 119 -10.60 31.10 17.18
CA LEU D 119 -9.80 31.47 18.35
C LEU D 119 -10.52 31.07 19.63
N PHE D 120 -9.84 30.25 20.45
CA PHE D 120 -10.31 29.71 21.72
C PHE D 120 -9.62 30.43 22.86
N PRO D 121 -10.37 30.94 23.83
CA PRO D 121 -9.75 31.50 25.02
C PRO D 121 -9.27 30.38 25.94
N PRO D 122 -8.58 30.70 27.03
CA PRO D 122 -8.17 29.66 27.97
C PRO D 122 -9.38 29.02 28.64
N SER D 123 -9.35 27.69 28.73
CA SER D 123 -10.42 26.97 29.38
C SER D 123 -10.47 27.32 30.86
N SER D 124 -11.67 27.23 31.43
CA SER D 124 -11.82 27.44 32.87
C SER D 124 -11.00 26.42 33.64
N GLU D 125 -10.91 25.18 33.14
CA GLU D 125 -10.12 24.18 33.82
C GLU D 125 -8.64 24.56 33.85
N GLU D 126 -8.13 25.09 32.73
CA GLU D 126 -6.71 25.44 32.67
C GLU D 126 -6.37 26.59 33.60
N LEU D 127 -7.25 27.59 33.68
CA LEU D 127 -7.02 28.74 34.55
C LEU D 127 -7.04 28.32 36.02
N GLN D 128 -7.91 27.38 36.38
CA GLN D 128 -7.89 26.83 37.73
C GLN D 128 -6.56 26.17 38.04
N ALA D 129 -5.92 25.58 37.03
CA ALA D 129 -4.59 25.02 37.14
C ALA D 129 -3.49 26.09 37.03
N ASN D 130 -3.88 27.36 36.97
CA ASN D 130 -2.97 28.51 36.93
C ASN D 130 -2.15 28.55 35.65
N LYS D 131 -2.76 28.16 34.54
CA LYS D 131 -2.17 28.32 33.21
C LYS D 131 -3.18 29.00 32.30
N ALA D 132 -2.66 29.59 31.21
CA ALA D 132 -3.51 30.28 30.24
C ALA D 132 -2.94 30.09 28.84
N THR D 133 -3.63 29.32 28.01
CA THR D 133 -3.25 29.17 26.61
C THR D 133 -4.38 29.64 25.72
N LEU D 134 -4.05 30.53 24.79
CA LEU D 134 -4.94 30.85 23.68
C LEU D 134 -4.58 29.95 22.49
N VAL D 135 -5.62 29.39 21.85
CA VAL D 135 -5.48 28.47 20.74
C VAL D 135 -6.12 29.10 19.50
N CYS D 136 -5.31 29.33 18.47
CA CYS D 136 -5.78 29.84 17.19
C CYS D 136 -5.69 28.72 16.17
N LEU D 137 -6.82 28.26 15.67
CA LEU D 137 -6.84 27.27 14.60
C LEU D 137 -7.09 27.96 13.26
N ILE D 138 -6.35 27.54 12.24
CA ILE D 138 -6.36 28.17 10.92
C ILE D 138 -6.64 27.07 9.90
N SER D 139 -7.75 27.18 9.17
CA SER D 139 -8.21 26.05 8.37
C SER D 139 -8.67 26.47 6.99
N ASP D 140 -8.68 25.49 6.09
CA ASP D 140 -9.27 25.62 4.74
C ASP D 140 -8.54 26.63 3.86
N PHE D 141 -7.22 26.78 3.99
CA PHE D 141 -6.50 27.66 3.09
C PHE D 141 -5.66 26.88 2.08
N TYR D 142 -5.33 27.57 0.98
CA TYR D 142 -4.43 27.11 -0.07
C TYR D 142 -3.88 28.33 -0.80
N PRO D 143 -2.56 28.42 -1.02
CA PRO D 143 -1.50 27.45 -0.72
C PRO D 143 -1.19 27.32 0.76
N GLY D 144 -0.27 26.42 1.12
CA GLY D 144 -0.08 26.02 2.51
C GLY D 144 0.98 26.77 3.27
N ALA D 145 1.00 28.10 3.13
CA ALA D 145 1.96 28.95 3.82
C ALA D 145 1.23 30.15 4.40
N VAL D 146 1.41 30.38 5.70
CA VAL D 146 0.84 31.53 6.41
C VAL D 146 1.91 32.07 7.34
N THR D 147 1.68 33.28 7.85
CA THR D 147 2.40 33.77 9.01
C THR D 147 1.39 34.27 10.04
N VAL D 148 1.70 34.07 11.32
CA VAL D 148 0.76 34.35 12.40
C VAL D 148 1.37 35.40 13.31
N ALA D 149 0.58 36.40 13.64
CA ALA D 149 0.97 37.43 14.60
C ALA D 149 -0.11 37.52 15.66
N TRP D 150 0.32 37.61 16.91
CA TRP D 150 -0.57 37.84 18.03
C TRP D 150 -0.45 39.28 18.50
N LYS D 151 -1.56 39.81 19.00
CA LYS D 151 -1.59 41.11 19.65
C LYS D 151 -2.32 41.02 20.98
N ALA D 152 -1.80 41.72 21.98
CA ALA D 152 -2.48 41.90 23.26
C ALA D 152 -2.85 43.38 23.34
N ASP D 153 -4.14 43.68 23.20
CA ASP D 153 -4.61 45.04 22.99
C ASP D 153 -3.85 45.66 21.82
N SER D 154 -3.09 46.72 22.06
CA SER D 154 -2.36 47.39 20.98
C SER D 154 -0.92 46.90 20.80
N SER D 155 -0.50 45.89 21.55
CA SER D 155 0.90 45.47 21.56
C SER D 155 1.05 44.11 20.92
N PRO D 156 1.80 44.00 19.81
CA PRO D 156 2.21 42.68 19.36
C PRO D 156 2.96 41.99 20.48
N VAL D 157 2.71 40.69 20.63
CA VAL D 157 3.39 39.87 21.64
C VAL D 157 4.14 38.77 20.90
N LYS D 158 5.45 38.71 21.14
CA LYS D 158 6.32 37.70 20.57
C LYS D 158 6.54 36.54 21.50
N ALA D 159 6.65 36.82 22.79
CA ALA D 159 6.95 35.80 23.78
C ALA D 159 5.77 34.84 23.98
N GLY D 160 6.09 33.56 24.15
CA GLY D 160 5.07 32.57 24.47
C GLY D 160 4.26 32.06 23.30
N VAL D 161 4.74 32.26 22.08
CA VAL D 161 4.01 31.89 20.86
C VAL D 161 4.65 30.65 20.26
N GLU D 162 3.82 29.66 19.89
CA GLU D 162 4.28 28.56 19.04
C GLU D 162 3.27 28.35 17.92
N THR D 163 3.77 28.05 16.71
CA THR D 163 2.95 27.87 15.52
C THR D 163 3.40 26.62 14.77
N THR D 164 2.44 25.82 14.31
CA THR D 164 2.81 24.65 13.52
C THR D 164 3.02 25.03 12.06
N THR D 165 3.82 24.23 11.39
CA THR D 165 3.88 24.30 9.94
C THR D 165 2.62 23.67 9.36
N PRO D 166 2.04 24.24 8.31
CA PRO D 166 0.71 23.78 7.87
C PRO D 166 0.76 22.38 7.28
N SER D 167 -0.35 21.67 7.47
CA SER D 167 -0.46 20.28 7.06
C SER D 167 -1.85 20.09 6.47
N LYS D 168 -1.96 19.16 5.52
CA LYS D 168 -3.23 18.91 4.83
C LYS D 168 -4.30 18.40 5.79
N GLN D 169 -5.49 18.98 5.69
CA GLN D 169 -6.68 18.38 6.28
C GLN D 169 -7.12 17.19 5.41
N SER D 170 -8.04 16.39 5.95
CA SER D 170 -8.55 15.26 5.17
C SER D 170 -9.24 15.72 3.90
N ASN D 171 -9.77 16.94 3.90
CA ASN D 171 -10.40 17.57 2.74
C ASN D 171 -9.39 18.04 1.70
N ASN D 172 -8.10 17.72 1.86
CA ASN D 172 -6.98 18.13 1.01
C ASN D 172 -6.67 19.62 1.07
N LYS D 173 -7.37 20.40 1.86
CA LYS D 173 -6.86 21.74 2.10
C LYS D 173 -6.02 21.77 3.38
N TYR D 174 -5.42 22.92 3.65
CA TYR D 174 -4.40 23.05 4.68
C TYR D 174 -5.00 23.59 5.97
N ALA D 175 -4.39 23.19 7.09
CA ALA D 175 -4.68 23.75 8.40
C ALA D 175 -3.39 24.00 9.14
N ALA D 176 -3.45 24.89 10.12
CA ALA D 176 -2.33 25.09 11.03
C ALA D 176 -2.89 25.65 12.32
N SER D 177 -2.04 25.64 13.35
CA SER D 177 -2.42 26.05 14.69
C SER D 177 -1.33 26.94 15.27
N SER D 178 -1.71 27.74 16.26
CA SER D 178 -0.77 28.64 16.91
C SER D 178 -1.21 28.84 18.35
N TYR D 179 -0.24 28.96 19.25
CA TYR D 179 -0.52 28.98 20.68
C TYR D 179 0.15 30.18 21.32
N LEU D 180 -0.59 30.89 22.17
CA LEU D 180 -0.04 31.98 22.97
C LEU D 180 -0.24 31.61 24.43
N SER D 181 0.87 31.30 25.10
CA SER D 181 0.87 30.91 26.51
C SER D 181 1.04 32.14 27.38
N LEU D 182 0.14 32.31 28.35
CA LEU D 182 0.15 33.46 29.26
C LEU D 182 -0.02 32.97 30.69
N THR D 183 0.20 33.89 31.64
CA THR D 183 -0.28 33.61 32.98
C THR D 183 -1.74 34.04 33.08
N PRO D 184 -2.52 33.46 34.01
CA PRO D 184 -3.92 33.89 34.14
C PRO D 184 -4.06 35.37 34.48
N GLU D 185 -3.04 35.99 35.07
CA GLU D 185 -3.09 37.41 35.36
C GLU D 185 -2.93 38.25 34.09
N GLN D 186 -1.98 37.87 33.23
CA GLN D 186 -1.83 38.56 31.94
C GLN D 186 -3.10 38.42 31.11
N TRP D 187 -3.75 37.27 31.20
CA TRP D 187 -5.01 37.03 30.49
C TRP D 187 -6.09 38.01 30.94
N LYS D 188 -6.29 38.13 32.26
CA LYS D 188 -7.31 39.03 32.81
C LYS D 188 -6.97 40.50 32.64
N SER D 189 -5.70 40.84 32.47
CA SER D 189 -5.27 42.23 32.52
C SER D 189 -5.48 42.97 31.20
N HIS D 190 -5.73 42.26 30.09
CA HIS D 190 -5.95 42.88 28.80
C HIS D 190 -7.42 42.83 28.44
N ARG D 191 -7.85 43.79 27.62
CA ARG D 191 -9.24 43.78 27.19
C ARG D 191 -9.48 42.74 26.11
N SER D 192 -8.51 42.52 25.23
CA SER D 192 -8.73 41.66 24.07
C SER D 192 -7.41 41.21 23.47
N TYR D 193 -7.42 39.98 22.97
CA TYR D 193 -6.28 39.39 22.28
C TYR D 193 -6.69 39.09 20.86
N SER D 194 -5.73 39.23 19.93
CA SER D 194 -6.01 38.99 18.51
C SER D 194 -4.99 38.01 17.93
N CYS D 195 -5.51 37.04 17.16
CA CYS D 195 -4.70 36.16 16.32
C CYS D 195 -4.90 36.59 14.87
N GLN D 196 -3.82 36.97 14.21
CA GLN D 196 -3.86 37.61 12.91
C GLN D 196 -3.10 36.75 11.91
N VAL D 197 -3.80 36.24 10.89
CA VAL D 197 -3.20 35.31 9.94
C VAL D 197 -3.07 35.98 8.58
N THR D 198 -1.85 35.96 8.03
CA THR D 198 -1.52 36.55 6.74
C THR D 198 -1.23 35.45 5.73
N HIS D 199 -1.83 35.58 4.54
CA HIS D 199 -1.89 34.51 3.54
C HIS D 199 -2.00 35.13 2.16
N GLU D 200 -1.02 34.86 1.31
CA GLU D 200 -0.91 35.49 -0.01
C GLU D 200 -1.19 36.99 0.07
N GLY D 201 -0.58 37.63 1.08
CA GLY D 201 -0.63 39.07 1.19
C GLY D 201 -1.89 39.66 1.79
N SER D 202 -2.83 38.83 2.24
CA SER D 202 -4.04 39.33 2.88
C SER D 202 -4.22 38.68 4.25
N THR D 203 -5.04 39.31 5.08
CA THR D 203 -5.05 39.08 6.52
C THR D 203 -6.44 38.71 7.00
N VAL D 204 -6.53 37.68 7.84
CA VAL D 204 -7.76 37.37 8.57
C VAL D 204 -7.42 37.38 10.06
N GLU D 205 -8.23 38.09 10.84
CA GLU D 205 -7.94 38.30 12.25
C GLU D 205 -9.17 38.02 13.10
N LYS D 206 -9.02 37.16 14.10
CA LYS D 206 -10.04 36.89 15.10
C LYS D 206 -9.59 37.49 16.43
N THR D 207 -10.56 38.01 17.17
CA THR D 207 -10.34 38.66 18.45
C THR D 207 -11.19 37.95 19.50
N VAL D 208 -10.61 37.76 20.70
CA VAL D 208 -11.36 37.25 21.83
C VAL D 208 -11.09 38.15 23.03
N ALA D 209 -12.07 38.23 23.92
CA ALA D 209 -11.96 39.05 25.12
C ALA D 209 -12.26 38.22 26.36
N PRO D 210 -11.47 38.38 27.43
CA PRO D 210 -11.77 37.66 28.67
C PRO D 210 -13.13 37.98 29.28
N THR D 211 -13.75 39.10 28.90
CA THR D 211 -15.06 39.44 29.44
C THR D 211 -16.18 38.92 28.55
N GLU E 1 1.99 -7.51 0.30
CA GLU E 1 2.63 -8.80 0.08
C GLU E 1 3.98 -8.90 0.81
N VAL E 2 4.76 -7.84 0.76
CA VAL E 2 6.04 -7.81 1.42
C VAL E 2 5.86 -7.10 2.75
N GLN E 3 6.38 -7.67 3.82
CA GLN E 3 6.32 -7.01 5.10
C GLN E 3 7.63 -6.92 5.85
N LEU E 4 7.88 -5.74 6.41
CA LEU E 4 9.02 -5.51 7.27
C LEU E 4 8.47 -4.86 8.55
N VAL E 5 8.69 -5.48 9.70
CA VAL E 5 8.20 -4.91 10.94
C VAL E 5 9.34 -4.59 11.91
N GLU E 6 9.54 -3.30 12.16
CA GLU E 6 10.56 -2.85 13.10
C GLU E 6 9.98 -2.84 14.49
N SER E 7 10.80 -3.22 15.47
CA SER E 7 10.45 -3.05 16.87
C SER E 7 11.70 -2.65 17.65
N GLY E 8 11.46 -2.18 18.88
CA GLY E 8 12.51 -1.93 19.85
C GLY E 8 12.76 -0.47 20.18
N GLY E 9 12.21 0.48 19.41
CA GLY E 9 12.46 1.87 19.68
C GLY E 9 11.75 2.36 20.93
N GLY E 10 12.27 3.43 21.50
CA GLY E 10 11.62 4.09 22.61
C GLY E 10 12.48 5.23 23.12
N LEU E 11 12.18 5.67 24.34
CA LEU E 11 12.96 6.71 24.99
C LEU E 11 14.14 6.09 25.73
N VAL E 12 15.34 6.65 25.50
CA VAL E 12 16.56 6.12 26.11
C VAL E 12 17.49 7.31 26.33
N GLU E 13 18.29 7.30 27.45
CA GLU E 13 19.02 8.54 27.69
C GLU E 13 20.39 8.52 27.03
N PRO E 14 21.03 9.69 26.83
CA PRO E 14 22.32 9.70 26.11
C PRO E 14 23.32 8.78 26.79
N GLY E 15 24.15 8.13 25.97
CA GLY E 15 25.09 7.14 26.46
C GLY E 15 24.49 5.77 26.65
N GLY E 16 23.18 5.62 26.52
CA GLY E 16 22.53 4.34 26.64
C GLY E 16 22.63 3.51 25.37
N SER E 17 22.02 2.33 25.43
CA SER E 17 21.99 1.35 24.36
C SER E 17 20.58 0.84 24.07
N LEU E 18 20.37 0.40 22.84
CA LEU E 18 19.13 -0.16 22.37
C LEU E 18 19.40 -1.15 21.25
N ARG E 19 18.53 -2.13 21.12
CA ARG E 19 18.60 -3.13 20.07
C ARG E 19 17.30 -3.03 19.30
N LEU E 20 17.39 -2.83 18.00
CA LEU E 20 16.21 -2.73 17.17
C LEU E 20 16.17 -4.02 16.37
N SER E 21 14.98 -4.54 16.17
CA SER E 21 14.77 -5.76 15.42
C SER E 21 13.84 -5.52 14.25
N CYS E 22 14.03 -6.28 13.18
CA CYS E 22 13.17 -6.18 11.98
C CYS E 22 12.86 -7.57 11.45
N ALA E 23 11.57 -7.92 11.43
CA ALA E 23 11.10 -9.19 10.90
C ALA E 23 10.66 -9.01 9.46
N VAL E 24 11.21 -9.82 8.56
CA VAL E 24 11.01 -9.66 7.12
C VAL E 24 10.23 -10.85 6.59
N SER E 25 9.23 -10.58 5.75
CA SER E 25 8.63 -11.67 4.99
C SER E 25 8.14 -11.15 3.65
N GLY E 26 7.86 -12.08 2.74
CA GLY E 26 7.41 -11.76 1.42
C GLY E 26 8.49 -11.63 0.36
N PHE E 27 9.77 -11.78 0.71
CA PHE E 27 10.79 -11.88 -0.34
C PHE E 27 11.98 -12.72 0.13
N ASP E 28 12.82 -13.07 -0.83
CA ASP E 28 13.98 -13.94 -0.61
C ASP E 28 15.04 -13.20 0.22
N PHE E 29 14.83 -13.23 1.55
CA PHE E 29 15.71 -12.57 2.50
C PHE E 29 17.14 -13.07 2.38
N GLU E 30 17.32 -14.36 2.06
CA GLU E 30 18.65 -14.94 1.91
C GLU E 30 19.52 -14.14 0.95
N LYS E 31 18.95 -13.63 -0.14
CA LYS E 31 19.69 -12.88 -1.16
C LYS E 31 19.72 -11.37 -0.92
N ALA E 32 18.99 -10.86 0.08
CA ALA E 32 18.77 -9.43 0.25
C ALA E 32 19.93 -8.73 0.96
N TRP E 33 20.32 -7.59 0.43
CA TRP E 33 21.28 -6.74 1.06
C TRP E 33 20.34 -5.80 1.83
N MET E 34 20.41 -5.89 3.14
CA MET E 34 19.55 -5.14 4.03
C MET E 34 20.20 -3.90 4.63
N SER E 35 19.43 -2.84 4.80
CA SER E 35 19.93 -1.62 5.41
C SER E 35 19.03 -1.05 6.48
N TRP E 36 19.60 -0.22 7.33
CA TRP E 36 18.85 0.56 8.31
C TRP E 36 18.97 2.01 7.83
N VAL E 37 17.87 2.73 7.76
CA VAL E 37 17.85 4.13 7.33
C VAL E 37 17.03 4.91 8.36
N ARG E 38 17.47 6.09 8.73
CA ARG E 38 16.80 6.82 9.80
C ARG E 38 16.32 8.18 9.30
N GLN E 39 15.28 8.71 9.95
CA GLN E 39 14.70 9.97 9.53
C GLN E 39 14.36 10.80 10.75
N ALA E 40 15.16 11.82 11.02
CA ALA E 40 14.87 12.76 12.09
C ALA E 40 13.61 13.57 11.76
N PRO E 41 12.89 14.02 12.81
CA PRO E 41 11.64 14.76 12.59
C PRO E 41 11.74 15.90 11.59
N GLY E 42 10.93 15.84 10.54
CA GLY E 42 10.93 16.88 9.52
C GLY E 42 12.18 16.93 8.67
N GLN E 43 12.99 15.87 8.68
CA GLN E 43 14.24 15.82 7.94
C GLN E 43 14.15 14.77 6.84
N GLY E 44 15.22 14.68 6.05
CA GLY E 44 15.32 13.70 4.99
C GLY E 44 15.79 12.35 5.49
N LEU E 45 15.84 11.38 4.59
CA LEU E 45 16.33 10.05 4.94
C LEU E 45 17.86 10.07 5.05
N GLN E 46 18.37 9.28 5.98
CA GLN E 46 19.82 9.20 6.21
C GLN E 46 20.18 7.74 6.39
N TRP E 47 20.86 7.17 5.41
CA TRP E 47 21.34 5.80 5.52
C TRP E 47 22.21 5.62 6.77
N VAL E 48 22.03 4.48 7.45
CA VAL E 48 22.67 4.23 8.75
C VAL E 48 23.69 3.10 8.65
N ALA E 49 23.28 1.95 8.11
CA ALA E 49 24.17 0.81 8.00
C ALA E 49 23.56 -0.19 7.03
N ARG E 50 24.44 -0.99 6.42
CA ARG E 50 24.07 -2.03 5.46
C ARG E 50 24.74 -3.34 5.85
N ILE E 51 24.05 -4.44 5.57
CA ILE E 51 24.66 -5.73 5.67
C ILE E 51 24.39 -6.54 4.39
N LYS E 52 25.43 -7.04 3.76
CA LYS E 52 25.31 -7.85 2.56
C LYS E 52 24.76 -9.25 2.87
N SER E 53 24.37 -9.93 1.81
CA SER E 53 23.91 -11.29 1.88
C SER E 53 25.04 -12.20 2.34
N THR E 54 24.71 -13.25 3.06
CA THR E 54 25.71 -14.20 3.52
C THR E 54 26.55 -14.72 2.35
N ALA E 55 25.92 -15.00 1.21
CA ALA E 55 26.68 -15.54 0.09
C ALA E 55 27.70 -14.55 -0.43
N ASP E 56 27.47 -13.25 -0.21
CA ASP E 56 28.40 -12.19 -0.56
C ASP E 56 29.31 -11.80 0.61
N GLY E 57 29.43 -12.67 1.62
CA GLY E 57 30.34 -12.46 2.74
C GLY E 57 29.76 -11.71 3.91
N GLY E 58 28.50 -11.28 3.85
CA GLY E 58 27.86 -10.64 4.99
C GLY E 58 28.51 -9.36 5.44
N THR E 59 29.21 -8.66 4.53
CA THR E 59 29.98 -7.49 4.88
C THR E 59 29.09 -6.35 5.33
N THR E 60 29.42 -5.78 6.49
CA THR E 60 28.75 -4.64 7.10
C THR E 60 29.44 -3.34 6.69
N SER E 61 28.65 -2.28 6.52
CA SER E 61 29.18 -0.93 6.39
C SER E 61 28.30 0.05 7.17
N TYR E 62 28.88 1.18 7.56
CA TYR E 62 28.22 2.12 8.48
C TYR E 62 28.38 3.56 8.01
N ALA E 63 27.35 4.36 8.27
CA ALA E 63 27.46 5.79 8.05
C ALA E 63 28.46 6.37 9.03
N ALA E 64 29.19 7.39 8.57
CA ALA E 64 30.26 7.94 9.39
C ALA E 64 29.83 8.45 10.77
N PRO E 65 28.65 9.06 10.95
CA PRO E 65 28.25 9.44 12.33
C PRO E 65 28.01 8.27 13.30
N VAL E 66 27.80 7.04 12.82
CA VAL E 66 27.53 5.91 13.70
C VAL E 66 28.62 4.86 13.67
N GLU E 67 29.60 4.99 12.79
CA GLU E 67 30.62 3.98 12.68
C GLU E 67 31.27 3.76 14.04
N GLY E 68 31.37 2.51 14.40
CA GLY E 68 31.97 2.08 15.64
C GLY E 68 31.08 2.05 16.88
N ARG E 69 29.91 2.66 16.81
CA ARG E 69 28.99 2.64 17.94
C ARG E 69 27.87 1.65 17.73
N PHE E 70 27.47 1.49 16.48
CA PHE E 70 26.38 0.62 16.08
C PHE E 70 26.89 -0.70 15.48
N ILE E 71 26.07 -1.74 15.55
CA ILE E 71 26.39 -3.03 14.94
C ILE E 71 25.14 -3.52 14.20
N ILE E 72 25.28 -3.78 12.90
CA ILE E 72 24.19 -4.42 12.14
C ILE E 72 24.48 -5.91 12.04
N SER E 73 23.43 -6.71 12.08
CA SER E 73 23.62 -8.15 12.00
C SER E 73 22.33 -8.75 11.52
N ARG E 74 22.44 -9.96 10.99
CA ARG E 74 21.28 -10.64 10.43
C ARG E 74 21.21 -12.05 11.00
N ASP E 75 19.99 -12.59 11.02
CA ASP E 75 19.73 -13.99 11.37
C ASP E 75 18.91 -14.58 10.22
N ASP E 76 19.58 -15.29 9.30
CA ASP E 76 18.84 -15.78 8.13
C ASP E 76 17.85 -16.88 8.50
N SER E 77 18.09 -17.61 9.60
CA SER E 77 17.19 -18.69 9.98
C SER E 77 15.86 -18.18 10.52
N ARG E 78 15.79 -16.91 10.95
CA ARG E 78 14.54 -16.35 11.43
C ARG E 78 14.09 -15.15 10.62
N ASN E 79 14.73 -14.89 9.47
CA ASN E 79 14.44 -13.72 8.64
C ASN E 79 14.47 -12.41 9.45
N MET E 80 15.46 -12.26 10.31
CA MET E 80 15.55 -11.09 11.18
C MET E 80 16.76 -10.22 10.84
N LEU E 81 16.55 -8.91 10.95
CA LEU E 81 17.62 -7.91 10.93
C LEU E 81 17.65 -7.21 12.29
N TYR E 82 18.86 -6.86 12.73
CA TYR E 82 19.07 -6.23 14.02
C TYR E 82 20.01 -5.04 13.84
N LEU E 83 19.79 -4.03 14.69
CA LEU E 83 20.69 -2.88 14.85
C LEU E 83 20.92 -2.70 16.35
N GLN E 84 22.13 -3.02 16.80
CA GLN E 84 22.52 -2.81 18.17
C GLN E 84 23.17 -1.44 18.25
N MET E 85 22.61 -0.56 19.10
CA MET E 85 22.94 0.86 19.12
C MET E 85 23.51 1.22 20.49
N ASN E 86 24.67 1.84 20.52
CA ASN E 86 25.38 2.09 21.76
C ASN E 86 25.84 3.54 21.82
N SER E 87 26.20 3.97 23.03
CA SER E 87 26.66 5.34 23.28
C SER E 87 25.78 6.34 22.55
N LEU E 88 24.48 6.19 22.77
CA LEU E 88 23.50 6.98 22.04
C LEU E 88 23.64 8.47 22.31
N LYS E 89 23.38 9.26 21.28
CA LYS E 89 23.46 10.70 21.35
C LYS E 89 22.11 11.29 20.97
N THR E 90 21.88 12.53 21.42
CA THR E 90 20.60 13.19 21.18
C THR E 90 20.30 13.28 19.70
N GLU E 91 21.33 13.51 18.87
CA GLU E 91 21.16 13.57 17.41
C GLU E 91 20.89 12.20 16.75
N ASP E 92 20.94 11.07 17.48
CA ASP E 92 20.42 9.80 16.98
C ASP E 92 18.90 9.69 17.07
N THR E 93 18.23 10.65 17.71
CA THR E 93 16.76 10.65 17.74
C THR E 93 16.18 10.65 16.33
N ALA E 94 15.34 9.65 16.02
CA ALA E 94 14.85 9.47 14.66
C ALA E 94 13.88 8.30 14.61
N VAL E 95 13.11 8.25 13.54
CA VAL E 95 12.41 7.02 13.17
C VAL E 95 13.41 6.15 12.43
N TYR E 96 13.56 4.90 12.87
CA TYR E 96 14.49 3.96 12.26
C TYR E 96 13.71 3.00 11.40
N TYR E 97 14.15 2.85 10.16
CA TYR E 97 13.50 2.06 9.14
C TYR E 97 14.40 0.92 8.73
N CYS E 98 13.83 -0.27 8.65
CA CYS E 98 14.49 -1.41 8.03
C CYS E 98 14.09 -1.41 6.55
N THR E 99 15.06 -1.63 5.65
CA THR E 99 14.68 -1.46 4.24
C THR E 99 15.57 -2.26 3.29
N SER E 100 14.95 -2.79 2.24
CA SER E 100 15.59 -3.41 1.08
C SER E 100 14.65 -3.19 -0.10
N ALA E 101 14.72 -1.97 -0.67
CA ALA E 101 13.77 -1.41 -1.64
C ALA E 101 12.39 -1.18 -1.01
N HIS E 102 11.84 -2.19 -0.34
CA HIS E 102 10.63 -1.96 0.44
C HIS E 102 11.01 -1.47 1.83
N TRP E 103 10.02 -0.97 2.56
CA TRP E 103 10.25 -0.27 3.83
C TRP E 103 9.26 -0.72 4.89
N GLY E 104 9.75 -0.94 6.11
CA GLY E 104 8.85 -1.13 7.23
C GLY E 104 8.17 0.17 7.59
N GLN E 105 7.34 0.11 8.64
CA GLN E 105 6.71 1.32 9.16
C GLN E 105 7.63 2.13 10.06
N GLY E 106 8.77 1.58 10.49
CA GLY E 106 9.70 2.33 11.29
C GLY E 106 9.42 2.27 12.78
N THR E 107 10.45 2.56 13.57
CA THR E 107 10.32 2.56 15.03
C THR E 107 11.02 3.79 15.61
N LEU E 108 10.29 4.53 16.46
CA LEU E 108 10.78 5.83 16.93
C LEU E 108 11.75 5.66 18.08
N VAL E 109 12.96 6.18 17.92
CA VAL E 109 13.96 6.22 18.97
C VAL E 109 14.09 7.67 19.43
N THR E 110 13.85 7.93 20.71
CA THR E 110 14.07 9.27 21.24
C THR E 110 15.21 9.24 22.24
N VAL E 111 16.29 9.99 21.98
CA VAL E 111 17.43 10.02 22.89
C VAL E 111 17.43 11.33 23.67
N SER E 112 17.25 11.24 24.98
CA SER E 112 17.01 12.42 25.80
C SER E 112 17.14 12.04 27.26
N SER E 113 17.67 12.96 28.07
CA SER E 113 17.67 12.72 29.51
C SER E 113 16.36 13.14 30.17
N ALA E 114 15.48 13.84 29.45
CA ALA E 114 14.18 14.22 30.00
C ALA E 114 13.33 12.98 30.24
N SER E 115 12.42 13.07 31.21
CA SER E 115 11.62 11.93 31.61
C SER E 115 10.30 11.85 30.84
N THR E 116 9.75 10.64 30.78
CA THR E 116 8.39 10.44 30.28
C THR E 116 7.40 11.26 31.11
N LYS E 117 6.48 11.95 30.44
CA LYS E 117 5.48 12.79 31.11
C LYS E 117 4.16 12.72 30.35
N GLY E 118 3.11 12.27 31.01
CA GLY E 118 1.78 12.24 30.41
C GLY E 118 1.18 13.63 30.26
N PRO E 119 0.20 13.77 29.37
CA PRO E 119 -0.36 15.09 29.09
C PRO E 119 -1.45 15.49 30.06
N SER E 120 -1.64 16.80 30.17
CA SER E 120 -2.86 17.36 30.74
C SER E 120 -3.75 17.81 29.61
N VAL E 121 -5.03 17.42 29.64
CA VAL E 121 -5.97 17.65 28.56
C VAL E 121 -7.01 18.67 29.02
N PHE E 122 -7.18 19.74 28.24
CA PHE E 122 -8.12 20.79 28.56
C PHE E 122 -9.11 20.95 27.43
N PRO E 123 -10.39 21.19 27.72
CA PRO E 123 -11.38 21.25 26.65
C PRO E 123 -11.35 22.60 25.93
N LEU E 124 -11.60 22.56 24.62
CA LEU E 124 -11.80 23.77 23.83
C LEU E 124 -13.29 23.85 23.52
N ALA E 125 -13.99 24.67 24.27
CA ALA E 125 -15.44 24.62 24.27
C ALA E 125 -16.02 25.41 23.10
N PRO E 126 -17.07 24.90 22.46
CA PRO E 126 -17.77 25.69 21.44
C PRO E 126 -18.48 26.89 22.07
N SER E 127 -18.51 27.98 21.31
CA SER E 127 -18.97 29.27 21.82
C SER E 127 -20.48 29.44 21.81
N GLY E 134 -23.57 28.04 11.38
CA GLY E 134 -24.37 26.84 11.39
C GLY E 134 -23.67 25.60 11.89
N THR E 135 -22.34 25.67 12.01
CA THR E 135 -21.52 24.58 12.50
C THR E 135 -20.56 25.10 13.56
N ALA E 136 -20.27 24.24 14.54
CA ALA E 136 -19.46 24.62 15.69
C ALA E 136 -18.16 23.83 15.71
N ALA E 137 -17.07 24.51 16.09
CA ALA E 137 -15.79 23.86 16.32
C ALA E 137 -15.60 23.66 17.82
N LEU E 138 -15.10 22.49 18.19
CA LEU E 138 -14.74 22.21 19.56
C LEU E 138 -13.56 21.25 19.53
N GLY E 139 -12.84 21.18 20.63
CA GLY E 139 -11.67 20.35 20.62
C GLY E 139 -11.12 20.11 22.00
N CYS E 140 -9.92 19.53 22.03
CA CYS E 140 -9.16 19.34 23.25
C CYS E 140 -7.75 19.87 23.04
N LEU E 141 -7.23 20.56 24.04
CA LEU E 141 -5.84 20.98 24.10
C LEU E 141 -5.05 19.93 24.89
N VAL E 142 -4.06 19.31 24.25
CA VAL E 142 -3.29 18.22 24.87
C VAL E 142 -1.91 18.77 25.22
N LYS E 143 -1.69 19.10 26.49
CA LYS E 143 -0.60 19.97 26.90
C LYS E 143 0.52 19.22 27.63
N ASP E 144 1.78 19.56 27.30
CA ASP E 144 2.95 19.27 28.13
C ASP E 144 3.21 17.78 28.31
N TYR E 145 3.44 17.09 27.20
CA TYR E 145 3.78 15.68 27.27
C TYR E 145 5.14 15.43 26.64
N PHE E 146 5.68 14.24 26.93
CA PHE E 146 6.99 13.82 26.43
C PHE E 146 7.12 12.32 26.61
N PRO E 147 7.67 11.58 25.63
CA PRO E 147 8.00 12.03 24.27
C PRO E 147 6.78 12.01 23.37
N GLU E 148 6.98 12.28 22.08
CA GLU E 148 5.99 11.91 21.09
C GLU E 148 5.92 10.38 21.02
N PRO E 149 4.79 9.83 20.54
CA PRO E 149 3.62 10.57 20.06
C PRO E 149 2.37 10.43 20.93
N VAL E 150 1.42 11.31 20.63
CA VAL E 150 0.07 11.30 21.19
C VAL E 150 -0.89 11.07 20.03
N THR E 151 -1.95 10.29 20.25
CA THR E 151 -3.01 10.22 19.26
C THR E 151 -4.34 10.55 19.93
N VAL E 152 -5.27 11.12 19.16
CA VAL E 152 -6.55 11.59 19.69
C VAL E 152 -7.68 10.99 18.86
N SER E 153 -8.69 10.47 19.55
CA SER E 153 -9.90 10.03 18.88
C SER E 153 -11.08 10.74 19.55
N TRP E 154 -12.26 10.59 18.97
CA TRP E 154 -13.45 11.29 19.44
C TRP E 154 -14.59 10.29 19.62
N ASN E 155 -15.23 10.33 20.79
CA ASN E 155 -16.30 9.42 21.18
C ASN E 155 -15.90 7.95 20.94
N SER E 156 -14.70 7.60 21.42
CA SER E 156 -14.15 6.24 21.35
C SER E 156 -14.01 5.72 19.93
N GLY E 157 -13.84 6.63 18.97
CA GLY E 157 -13.71 6.26 17.57
C GLY E 157 -14.99 6.28 16.77
N ALA E 158 -16.12 6.66 17.38
CA ALA E 158 -17.37 6.69 16.64
C ALA E 158 -17.53 7.98 15.84
N LEU E 159 -16.81 9.03 16.20
CA LEU E 159 -16.83 10.29 15.46
C LEU E 159 -15.49 10.44 14.74
N THR E 160 -15.48 10.11 13.45
CA THR E 160 -14.29 10.24 12.64
C THR E 160 -14.43 11.33 11.58
N SER E 161 -15.65 11.67 11.21
CA SER E 161 -15.89 12.76 10.27
C SER E 161 -15.53 14.11 10.87
N GLY E 162 -14.88 14.96 10.07
CA GLY E 162 -14.72 16.35 10.43
C GLY E 162 -13.70 16.64 11.49
N VAL E 163 -12.78 15.69 11.74
CA VAL E 163 -11.78 15.76 12.80
C VAL E 163 -10.45 16.17 12.18
N HIS E 164 -9.75 17.11 12.83
CA HIS E 164 -8.35 17.38 12.53
C HIS E 164 -7.53 17.36 13.81
N THR E 165 -6.55 16.47 13.89
CA THR E 165 -5.58 16.48 14.97
C THR E 165 -4.31 17.10 14.43
N PHE E 166 -3.80 18.12 15.12
CA PHE E 166 -2.70 18.92 14.62
C PHE E 166 -1.35 18.32 14.99
N PRO E 167 -0.31 18.62 14.20
CA PRO E 167 1.06 18.30 14.64
C PRO E 167 1.38 19.01 15.95
N ALA E 168 2.33 18.42 16.67
CA ALA E 168 2.73 18.94 17.97
C ALA E 168 3.70 20.10 17.84
N VAL E 169 3.63 21.04 18.77
CA VAL E 169 4.70 22.04 18.92
C VAL E 169 5.64 21.58 20.03
N LEU E 170 6.93 21.84 19.85
CA LEU E 170 7.95 21.58 20.87
C LEU E 170 8.26 22.91 21.57
N GLN E 171 7.88 23.00 22.84
CA GLN E 171 8.06 24.23 23.60
C GLN E 171 9.49 24.35 24.13
N SER E 172 9.81 25.56 24.65
CA SER E 172 11.13 25.83 25.23
C SER E 172 11.43 24.89 26.40
N SER E 173 10.39 24.43 27.10
CA SER E 173 10.51 23.50 28.21
C SER E 173 11.07 22.14 27.79
N GLY E 174 11.10 21.84 26.49
CA GLY E 174 11.36 20.51 26.02
C GLY E 174 10.14 19.62 25.95
N LEU E 175 8.96 20.11 26.32
CA LEU E 175 7.73 19.34 26.27
C LEU E 175 6.91 19.70 25.04
N TYR E 176 6.06 18.76 24.62
CA TYR E 176 5.20 18.94 23.46
C TYR E 176 3.78 19.26 23.89
N SER E 177 3.04 19.94 22.99
CA SER E 177 1.61 20.12 23.10
C SER E 177 0.99 20.02 21.71
N LEU E 178 -0.29 19.64 21.64
CA LEU E 178 -1.00 19.57 20.38
C LEU E 178 -2.47 19.80 20.65
N SER E 179 -3.22 20.08 19.58
CA SER E 179 -4.67 20.26 19.64
C SER E 179 -5.35 19.25 18.71
N SER E 180 -6.59 18.89 19.05
CA SER E 180 -7.46 18.13 18.16
C SER E 180 -8.81 18.83 18.10
N VAL E 181 -9.32 19.07 16.89
CA VAL E 181 -10.57 19.83 16.71
C VAL E 181 -11.52 19.04 15.83
N VAL E 182 -12.81 19.07 16.18
CA VAL E 182 -13.85 18.45 15.36
C VAL E 182 -14.90 19.52 15.05
N THR E 183 -15.44 19.45 13.83
CA THR E 183 -16.51 20.35 13.38
C THR E 183 -17.82 19.56 13.37
N VAL E 184 -18.82 20.08 14.07
CA VAL E 184 -20.09 19.40 14.29
C VAL E 184 -21.22 20.38 14.02
N PRO E 185 -22.44 19.87 13.79
CA PRO E 185 -23.59 20.78 13.64
C PRO E 185 -23.91 21.50 14.94
N SER E 186 -24.33 22.76 14.81
CA SER E 186 -24.56 23.59 15.99
C SER E 186 -25.82 23.19 16.75
N SER E 187 -26.78 22.54 16.08
CA SER E 187 -27.97 22.08 16.79
C SER E 187 -27.67 20.90 17.69
N SER E 188 -26.72 20.05 17.30
CA SER E 188 -26.42 18.83 18.04
C SER E 188 -25.72 19.10 19.37
N LEU E 189 -25.32 20.35 19.64
CA LEU E 189 -24.53 20.64 20.83
C LEU E 189 -25.33 20.48 22.12
N GLY E 190 -26.65 20.61 22.06
CA GLY E 190 -27.45 20.42 23.26
C GLY E 190 -27.84 18.99 23.53
N THR E 191 -27.63 18.09 22.57
CA THR E 191 -28.12 16.72 22.66
C THR E 191 -27.03 15.66 22.63
N GLN E 192 -25.93 15.89 21.90
CA GLN E 192 -24.89 14.90 21.71
C GLN E 192 -23.72 15.18 22.65
N THR E 193 -23.21 14.14 23.31
CA THR E 193 -22.00 14.25 24.12
C THR E 193 -20.77 14.20 23.22
N TYR E 194 -19.79 15.05 23.49
CA TYR E 194 -18.50 14.96 22.81
C TYR E 194 -17.40 14.73 23.85
N ILE E 195 -16.59 13.72 23.59
CA ILE E 195 -15.48 13.32 24.45
C ILE E 195 -14.27 13.08 23.55
N CYS E 196 -13.16 13.76 23.83
CA CYS E 196 -11.93 13.36 23.15
C CYS E 196 -11.19 12.34 23.99
N ASN E 197 -10.64 11.33 23.32
CA ASN E 197 -9.94 10.25 23.98
C ASN E 197 -8.46 10.37 23.59
N VAL E 198 -7.62 10.79 24.55
CA VAL E 198 -6.19 11.03 24.28
C VAL E 198 -5.39 9.80 24.71
N ASN E 199 -4.54 9.30 23.81
CA ASN E 199 -3.70 8.13 24.05
C ASN E 199 -2.24 8.57 24.00
N HIS E 200 -1.50 8.33 25.08
CA HIS E 200 -0.07 8.62 25.14
C HIS E 200 0.62 7.33 25.54
N LYS E 201 0.82 6.44 24.56
CA LYS E 201 1.47 5.16 24.85
C LYS E 201 2.81 5.28 25.58
N PRO E 202 3.71 6.21 25.23
CA PRO E 202 5.00 6.26 25.95
C PRO E 202 4.89 6.35 27.46
N SER E 203 3.81 6.96 27.98
CA SER E 203 3.58 7.01 29.43
C SER E 203 2.47 6.06 29.86
N ASN E 204 1.93 5.24 28.95
CA ASN E 204 0.82 4.32 29.23
C ASN E 204 -0.38 5.05 29.84
N THR E 205 -0.74 6.19 29.26
CA THR E 205 -1.79 7.05 29.81
C THR E 205 -2.89 7.24 28.78
N LYS E 206 -4.14 7.13 29.22
CA LYS E 206 -5.31 7.50 28.44
C LYS E 206 -6.11 8.53 29.23
N VAL E 207 -6.61 9.55 28.54
CA VAL E 207 -7.42 10.59 29.15
C VAL E 207 -8.65 10.78 28.28
N ASP E 208 -9.83 10.50 28.84
CA ASP E 208 -11.09 10.90 28.24
C ASP E 208 -11.53 12.23 28.83
N LYS E 209 -11.79 13.22 27.97
CA LYS E 209 -12.13 14.56 28.41
C LYS E 209 -13.43 15.00 27.74
N ARG E 210 -14.46 15.27 28.55
CA ARG E 210 -15.74 15.69 27.97
C ARG E 210 -15.65 17.17 27.61
N VAL E 211 -16.16 17.52 26.43
CA VAL E 211 -16.12 18.89 25.93
C VAL E 211 -17.56 19.40 25.88
N GLU E 212 -17.91 20.29 26.82
CA GLU E 212 -19.24 20.84 27.01
C GLU E 212 -19.34 22.25 26.42
N PRO E 213 -20.52 22.64 25.97
CA PRO E 213 -20.72 24.03 25.55
C PRO E 213 -20.76 24.96 26.76
N LYS E 214 -20.36 26.20 26.55
CA LYS E 214 -20.22 27.15 27.65
C LYS E 214 -21.57 27.62 28.18
N MET F 2 7.88 -8.80 -5.17
CA MET F 2 8.62 -9.85 -4.49
C MET F 2 10.07 -9.97 -4.99
N ASP F 3 10.33 -9.57 -6.24
CA ASP F 3 11.69 -9.62 -6.78
C ASP F 3 12.41 -8.27 -6.73
N VAL F 4 11.74 -7.25 -6.22
CA VAL F 4 12.30 -5.90 -6.08
C VAL F 4 12.82 -5.81 -4.66
N PHE F 5 14.11 -6.12 -4.49
CA PHE F 5 14.82 -5.83 -3.26
C PHE F 5 16.28 -5.65 -3.68
N MET F 6 17.11 -5.18 -2.75
CA MET F 6 18.52 -4.91 -3.07
C MET F 6 19.33 -6.21 -3.01
N LYS F 7 20.03 -6.52 -4.11
CA LYS F 7 20.87 -7.70 -4.20
C LYS F 7 22.33 -7.36 -4.45
N GLY F 8 22.72 -6.08 -4.38
CA GLY F 8 24.11 -5.70 -4.60
C GLY F 8 24.52 -5.54 -6.05
N LEU F 9 23.57 -5.49 -6.98
CA LEU F 9 23.86 -5.38 -8.41
C LEU F 9 24.33 -3.98 -8.79
N SER F 10 25.25 -3.93 -9.76
CA SER F 10 25.76 -2.67 -10.28
C SER F 10 25.89 -2.77 -11.79
N LYS F 11 26.34 -1.68 -12.42
CA LYS F 11 26.40 -1.61 -13.86
C LYS F 11 27.78 -2.00 -14.42
#